data_6HNB
#
_entry.id   6HNB
#
_cell.length_a   70.371
_cell.length_b   102.258
_cell.length_c   147.051
_cell.angle_alpha   90.00
_cell.angle_beta   90.00
_cell.angle_gamma   90.00
#
_symmetry.space_group_name_H-M   'P 21 21 21'
#
loop_
_entity.id
_entity.type
_entity.pdbx_description
1 polymer 'Aromatic amino acid aminotransferase I'
2 non-polymer 2-[BIS-(2-HYDROXY-ETHYL)-AMINO]-2-HYDROXYMETHYL-PROPANE-1,3-DIOL
3 non-polymer 'SULFATE ION'
4 non-polymer 'CHLORIDE ION'
5 water water
#
_entity_poly.entity_id   1
_entity_poly.type   'polypeptide(L)'
_entity_poly.pdbx_seq_one_letter_code
;MTSDTKPQAKDLTHLLSNESKARQTSPLKGIFKYYKQPGITFLGGGLPLSDYFPFEKVTADIPTPSFSGGIGAPIEGENK
TTIEVFKKAADNVPDQIELARSLQYGSTFGLPEFLQFIKEHTDMVHKVPYENWDVIVSVGNTEAWDSTLRTFCSKGDTIL
VEEYTFSSALESANGQGVNTVPVTMDEFGIIPEKLEELMSRWVGNKPKFLYTICTGQNPTGSSLSAERRKQIYDIACKYD
FLIIEDEPYYFLQMETYTKDKAAREGKAVHDHDEFLKALVPSFISLDVEGRVVRLDSFSKVLAPGLRLGWIVGQKDLLER
YVRLHEVSVQNPSGFSEALANALLRKWGHSGYLDWLIGLRAEYTHKRDVAIDALDQFVPKEVSSFNPPVAGMFFTVTLDA
SKHPKYKEFLEDPLKVEAAVHEQAIKQGCLLAPGSWFKAEGQSSPPQKNLPANPSHKTHIFFRGTYAAVPLDQLVVGLEK
FGKAVRAEFGL
;
_entity_poly.pdbx_strand_id   A,B
#
# COMPACT_ATOMS: atom_id res chain seq x y z
N THR A 5 -22.98 -14.70 24.56
CA THR A 5 -21.92 -15.65 24.07
C THR A 5 -22.35 -16.21 22.72
N LYS A 6 -21.62 -15.85 21.66
CA LYS A 6 -21.94 -16.25 20.27
C LYS A 6 -21.11 -17.49 19.94
N PRO A 7 -21.52 -18.26 18.94
CA PRO A 7 -20.72 -19.40 18.49
C PRO A 7 -19.36 -18.97 17.92
N GLN A 8 -18.43 -19.91 17.92
CA GLN A 8 -17.23 -19.86 17.06
C GLN A 8 -17.68 -19.99 15.62
N ALA A 9 -16.98 -19.29 14.73
CA ALA A 9 -17.03 -19.50 13.26
C ALA A 9 -16.52 -20.91 12.94
N LYS A 10 -16.89 -21.45 11.78
CA LYS A 10 -16.32 -22.70 11.23
C LYS A 10 -14.84 -22.46 10.99
N ASP A 11 -14.04 -23.53 11.03
CA ASP A 11 -12.61 -23.53 10.64
C ASP A 11 -12.59 -23.52 9.11
N LEU A 12 -12.13 -22.43 8.49
CA LEU A 12 -12.13 -22.28 7.01
C LEU A 12 -10.70 -22.19 6.47
N THR A 13 -9.71 -22.50 7.30
CA THR A 13 -8.27 -22.47 6.93
C THR A 13 -8.09 -23.35 5.69
N HIS A 14 -8.93 -24.36 5.44
CA HIS A 14 -8.86 -25.20 4.20
C HIS A 14 -9.16 -24.38 2.94
N LEU A 15 -9.76 -23.18 3.05
CA LEU A 15 -10.05 -22.30 1.89
C LEU A 15 -8.85 -21.36 1.60
N LEU A 16 -7.85 -21.27 2.48
CA LEU A 16 -6.62 -20.48 2.20
C LEU A 16 -5.84 -21.10 1.05
N SER A 17 -5.15 -20.29 0.24
CA SER A 17 -4.15 -20.79 -0.74
C SER A 17 -3.00 -21.47 0.03
N ASN A 18 -2.40 -22.47 -0.59
CA ASN A 18 -1.21 -23.16 -0.04
C ASN A 18 -0.14 -22.09 0.20
N GLU A 19 -0.04 -21.11 -0.70
CA GLU A 19 0.98 -20.03 -0.63
C GLU A 19 0.77 -19.21 0.65
N SER A 20 -0.49 -18.85 0.95
CA SER A 20 -0.86 -18.06 2.15
C SER A 20 -0.53 -18.87 3.41
N LYS A 21 -0.96 -20.14 3.42
CA LYS A 21 -0.71 -21.09 4.53
C LYS A 21 0.80 -21.12 4.89
N ALA A 22 1.69 -21.09 3.89
CA ALA A 22 3.15 -21.25 4.06
C ALA A 22 3.82 -19.96 4.54
N ARG A 23 3.12 -18.81 4.53
CA ARG A 23 3.74 -17.52 4.96
C ARG A 23 4.16 -17.64 6.42
N GLN A 24 5.22 -16.95 6.80
CA GLN A 24 5.80 -17.03 8.17
C GLN A 24 5.92 -15.63 8.77
N THR A 25 5.98 -15.57 10.10
CA THR A 25 6.44 -14.37 10.85
C THR A 25 7.96 -14.20 10.71
N SER A 26 8.41 -12.94 10.76
CA SER A 26 9.83 -12.54 10.84
C SER A 26 10.53 -13.34 11.94
N PRO A 27 11.74 -13.91 11.69
CA PRO A 27 12.49 -14.62 12.74
C PRO A 27 12.76 -13.72 13.96
N LEU A 28 12.72 -12.39 13.75
CA LEU A 28 12.98 -11.36 14.78
C LEU A 28 11.78 -11.16 15.71
N LYS A 29 10.59 -11.69 15.42
CA LYS A 29 9.41 -11.48 16.31
C LYS A 29 9.72 -12.06 17.68
N GLY A 30 10.42 -13.21 17.74
CA GLY A 30 10.78 -13.90 18.98
C GLY A 30 12.02 -13.32 19.66
N ILE A 31 12.25 -12.01 19.50
CA ILE A 31 13.08 -11.18 20.43
C ILE A 31 12.30 -9.92 20.79
N PHE A 32 11.12 -9.71 20.23
CA PHE A 32 10.27 -8.51 20.54
C PHE A 32 9.94 -8.53 22.04
N LYS A 33 9.70 -9.71 22.63
CA LYS A 33 9.31 -9.84 24.06
C LYS A 33 10.36 -9.18 24.98
N TYR A 34 11.63 -9.10 24.57
CA TYR A 34 12.73 -8.47 25.35
C TYR A 34 12.77 -6.96 25.12
N TYR A 35 12.09 -6.47 24.09
CA TYR A 35 11.99 -5.02 23.75
C TYR A 35 11.30 -4.31 24.93
N LYS A 36 11.93 -3.24 25.42
CA LYS A 36 11.38 -2.39 26.52
C LYS A 36 11.04 -3.27 27.75
N GLN A 37 11.77 -4.36 27.95
CA GLN A 37 11.73 -5.15 29.22
C GLN A 37 12.86 -4.58 30.09
N PRO A 38 12.57 -4.07 31.31
CA PRO A 38 13.64 -3.54 32.16
C PRO A 38 14.80 -4.52 32.38
N GLY A 39 16.03 -4.01 32.29
CA GLY A 39 17.28 -4.77 32.47
C GLY A 39 17.91 -5.18 31.14
N ILE A 40 17.12 -5.25 30.07
CA ILE A 40 17.64 -5.63 28.72
C ILE A 40 18.00 -4.35 27.95
N THR A 41 19.26 -4.23 27.53
CA THR A 41 19.67 -3.24 26.51
C THR A 41 19.35 -3.87 25.14
N PHE A 42 18.28 -3.41 24.51
CA PHE A 42 17.77 -4.03 23.27
C PHE A 42 18.47 -3.44 22.04
N LEU A 43 19.49 -4.12 21.52
CA LEU A 43 20.26 -3.72 20.32
C LEU A 43 19.88 -4.60 19.11
N GLY A 44 18.78 -5.35 19.18
CA GLY A 44 18.51 -6.43 18.21
C GLY A 44 17.58 -6.01 17.08
N GLY A 45 17.12 -4.76 17.13
CA GLY A 45 16.06 -4.18 16.29
C GLY A 45 16.64 -3.30 15.18
N GLY A 46 15.76 -2.59 14.46
CA GLY A 46 16.14 -1.69 13.36
C GLY A 46 15.27 -0.45 13.25
N LEU A 47 14.69 -0.02 14.39
CA LEU A 47 13.85 1.20 14.49
C LEU A 47 14.74 2.44 14.49
N PRO A 48 14.56 3.40 13.55
CA PRO A 48 15.21 4.70 13.67
C PRO A 48 14.63 5.49 14.86
N LEU A 49 15.30 6.58 15.23
CA LEU A 49 15.08 7.30 16.51
C LEU A 49 13.97 8.33 16.28
N SER A 50 12.90 8.24 17.08
CA SER A 50 11.72 9.13 16.95
C SER A 50 12.13 10.58 17.26
N ASP A 51 13.28 10.77 17.94
CA ASP A 51 13.84 12.10 18.31
C ASP A 51 14.02 12.94 17.05
N TYR A 52 14.38 12.33 15.91
CA TYR A 52 14.66 13.08 14.66
C TYR A 52 13.39 13.28 13.82
N PHE A 53 12.27 12.58 14.05
CA PHE A 53 11.08 12.76 13.17
C PHE A 53 10.80 14.27 13.09
N PRO A 54 10.87 14.91 11.89
CA PRO A 54 10.72 16.37 11.78
C PRO A 54 9.27 16.87 11.76
N PHE A 55 8.39 16.29 12.58
CA PHE A 55 6.98 16.70 12.74
C PHE A 55 6.69 16.85 14.23
N GLU A 56 6.62 18.10 14.73
CA GLU A 56 6.29 18.37 16.16
C GLU A 56 4.79 18.19 16.38
N LYS A 57 4.01 18.46 15.34
CA LYS A 57 2.54 18.60 15.43
C LYS A 57 1.97 18.47 14.01
N VAL A 58 0.81 17.84 13.89
CA VAL A 58 -0.02 17.93 12.67
C VAL A 58 -1.41 18.34 13.14
N THR A 59 -2.08 19.18 12.38
CA THR A 59 -3.43 19.64 12.75
C THR A 59 -4.33 19.50 11.53
N ALA A 60 -5.63 19.54 11.74
CA ALA A 60 -6.58 19.68 10.64
C ALA A 60 -7.81 20.44 11.12
N ASP A 61 -8.38 21.24 10.22
CA ASP A 61 -9.70 21.89 10.39
C ASP A 61 -10.77 20.99 9.75
N ILE A 62 -11.70 20.50 10.57
CA ILE A 62 -12.80 19.58 10.18
C ILE A 62 -14.14 20.22 10.53
N PRO A 63 -15.23 19.86 9.81
CA PRO A 63 -16.56 20.35 10.16
C PRO A 63 -17.08 19.77 11.47
N THR A 64 -18.22 20.27 11.93
CA THR A 64 -18.70 20.10 13.32
C THR A 64 -20.05 19.39 13.28
N PRO A 65 -20.22 18.30 14.05
CA PRO A 65 -21.53 17.64 14.19
C PRO A 65 -22.52 18.66 14.74
N SER A 66 -23.80 18.64 14.33
CA SER A 66 -24.45 17.59 13.55
C SER A 66 -24.48 17.92 12.05
N PHE A 67 -23.64 18.84 11.58
CA PHE A 67 -23.48 19.21 10.15
C PHE A 67 -24.83 19.72 9.60
N SER A 68 -25.57 20.47 10.42
CA SER A 68 -26.94 20.95 10.12
C SER A 68 -26.96 21.87 8.88
N GLY A 69 -25.84 22.49 8.52
CA GLY A 69 -25.74 23.29 7.28
C GLY A 69 -25.51 22.40 6.06
N GLY A 70 -25.44 21.08 6.25
CA GLY A 70 -25.07 20.12 5.18
C GLY A 70 -23.58 19.75 5.27
N ILE A 71 -23.23 18.51 4.94
CA ILE A 71 -21.83 18.01 5.05
C ILE A 71 -20.88 18.82 4.14
N GLY A 72 -21.39 19.49 3.10
CA GLY A 72 -20.59 20.33 2.19
C GLY A 72 -20.56 21.81 2.57
N ALA A 73 -21.17 22.21 3.69
CA ALA A 73 -21.13 23.61 4.17
C ALA A 73 -19.66 24.01 4.36
N PRO A 74 -19.26 25.28 4.08
CA PRO A 74 -17.91 25.76 4.40
C PRO A 74 -17.44 25.37 5.81
N ILE A 75 -16.19 24.93 5.91
CA ILE A 75 -15.57 24.60 7.20
C ILE A 75 -14.96 25.91 7.73
N GLU A 76 -15.75 26.64 8.52
CA GLU A 76 -15.41 27.98 9.07
C GLU A 76 -16.39 28.27 10.20
N GLY A 77 -16.05 29.19 11.10
CA GLY A 77 -16.90 29.55 12.25
C GLY A 77 -17.19 28.36 13.14
N GLU A 78 -18.45 28.19 13.54
CA GLU A 78 -18.93 27.05 14.36
C GLU A 78 -18.78 25.71 13.61
N ASN A 79 -18.76 25.74 12.28
CA ASN A 79 -18.50 24.53 11.45
C ASN A 79 -17.00 24.32 11.25
N LYS A 80 -16.15 24.77 12.19
CA LYS A 80 -14.69 24.52 12.22
C LYS A 80 -14.26 24.12 13.63
N THR A 81 -13.66 22.93 13.71
CA THR A 81 -13.04 22.29 14.90
C THR A 81 -11.60 21.98 14.50
N THR A 82 -10.61 22.42 15.29
CA THR A 82 -9.18 22.14 15.02
C THR A 82 -8.78 20.90 15.83
N ILE A 83 -8.36 19.83 15.16
CA ILE A 83 -7.82 18.62 15.84
C ILE A 83 -6.30 18.75 15.77
N GLU A 84 -5.62 18.38 16.85
CA GLU A 84 -4.14 18.43 16.86
C GLU A 84 -3.64 17.06 17.29
N VAL A 85 -2.62 16.59 16.60
CA VAL A 85 -1.85 15.40 17.02
C VAL A 85 -0.40 15.81 17.21
N PHE A 86 0.00 15.98 18.48
CA PHE A 86 1.39 16.31 18.88
C PHE A 86 2.26 15.05 18.78
N LYS A 87 3.57 15.26 18.68
CA LYS A 87 4.59 14.18 18.66
C LYS A 87 4.56 13.38 19.97
N LYS A 88 4.42 14.07 21.11
CA LYS A 88 4.51 13.48 22.48
C LYS A 88 3.11 13.26 23.05
N ALA A 89 2.83 12.06 23.58
CA ALA A 89 1.53 11.69 24.19
C ALA A 89 1.08 12.75 25.20
N ALA A 90 2.00 13.33 25.98
CA ALA A 90 1.68 14.28 27.08
C ALA A 90 1.04 15.56 26.49
N ASP A 91 1.32 15.90 25.23
CA ASP A 91 0.87 17.17 24.63
C ASP A 91 -0.53 17.01 24.02
N ASN A 92 -1.09 15.79 23.98
CA ASN A 92 -2.36 15.48 23.28
C ASN A 92 -3.55 15.39 24.25
N VAL A 93 -4.76 15.72 23.76
CA VAL A 93 -6.05 15.29 24.40
C VAL A 93 -6.04 13.76 24.44
N PRO A 94 -6.98 13.07 25.14
CA PRO A 94 -6.93 11.61 25.27
C PRO A 94 -7.22 10.85 23.96
N ASP A 95 -6.74 9.59 23.88
CA ASP A 95 -7.10 8.58 22.85
C ASP A 95 -6.49 8.92 21.47
N GLN A 96 -5.44 9.76 21.44
CA GLN A 96 -4.70 10.16 20.22
C GLN A 96 -3.50 9.21 20.02
N ILE A 97 -3.05 9.11 18.77
CA ILE A 97 -1.85 8.33 18.38
C ILE A 97 -0.75 9.38 18.10
N GLU A 98 -0.02 9.76 19.16
CA GLU A 98 1.06 10.79 19.15
C GLU A 98 2.03 10.41 18.03
N LEU A 99 2.59 11.40 17.32
CA LEU A 99 3.42 11.19 16.10
C LEU A 99 4.69 10.39 16.43
N ALA A 100 5.20 10.41 17.67
CA ALA A 100 6.36 9.56 18.06
C ALA A 100 6.02 8.08 17.80
N ARG A 101 4.76 7.69 17.95
CA ARG A 101 4.26 6.30 17.77
C ARG A 101 3.62 6.18 16.37
N SER A 102 2.71 7.09 16.00
CA SER A 102 1.99 6.94 14.71
C SER A 102 2.99 7.04 13.55
N LEU A 103 4.14 7.74 13.69
CA LEU A 103 5.11 7.80 12.55
C LEU A 103 6.26 6.81 12.72
N GLN A 104 6.20 5.90 13.71
CA GLN A 104 7.20 4.81 13.92
C GLN A 104 6.63 3.54 13.29
N TYR A 105 7.49 2.56 12.94
CA TYR A 105 7.05 1.19 12.58
C TYR A 105 6.18 0.69 13.75
N GLY A 106 5.21 -0.19 13.43
CA GLY A 106 4.25 -0.72 14.43
C GLY A 106 3.53 -1.96 13.90
N SER A 107 2.64 -2.54 14.71
CA SER A 107 1.81 -3.73 14.36
C SER A 107 1.15 -3.48 13.00
N THR A 108 1.34 -4.40 12.06
CA THR A 108 0.68 -4.39 10.73
C THR A 108 -0.84 -4.59 10.92
N PHE A 109 -1.32 -5.04 12.10
CA PHE A 109 -2.78 -5.17 12.43
C PHE A 109 -3.45 -3.79 12.33
N GLY A 110 -2.73 -2.74 12.78
CA GLY A 110 -3.21 -1.35 12.89
C GLY A 110 -2.81 -0.71 14.20
N LEU A 111 -2.94 0.61 14.30
CA LEU A 111 -2.72 1.37 15.57
C LEU A 111 -3.91 1.10 16.49
N PRO A 112 -3.71 0.75 17.79
CA PRO A 112 -4.80 0.23 18.63
C PRO A 112 -5.99 1.20 18.80
N GLU A 113 -5.75 2.52 18.83
CA GLU A 113 -6.84 3.52 19.00
C GLU A 113 -7.77 3.51 17.78
N PHE A 114 -7.22 3.44 16.57
CA PHE A 114 -8.00 3.43 15.31
C PHE A 114 -8.81 2.13 15.23
N LEU A 115 -8.16 0.96 15.43
CA LEU A 115 -8.84 -0.35 15.42
C LEU A 115 -10.01 -0.35 16.40
N GLN A 116 -9.83 0.22 17.58
CA GLN A 116 -10.88 0.15 18.63
C GLN A 116 -12.11 0.89 18.12
N PHE A 117 -11.94 2.07 17.53
CA PHE A 117 -13.10 2.88 17.05
C PHE A 117 -13.81 2.13 15.91
N ILE A 118 -13.02 1.57 15.02
CA ILE A 118 -13.57 1.00 13.76
C ILE A 118 -14.21 -0.36 14.06
N LYS A 119 -13.69 -1.08 15.04
CA LYS A 119 -14.34 -2.31 15.56
C LYS A 119 -15.67 -1.95 16.24
N GLU A 120 -15.72 -0.93 17.08
CA GLU A 120 -16.99 -0.48 17.72
C GLU A 120 -17.99 -0.13 16.62
N HIS A 121 -17.55 0.63 15.61
CA HIS A 121 -18.41 1.07 14.50
C HIS A 121 -18.98 -0.18 13.82
N THR A 122 -18.11 -1.12 13.50
CA THR A 122 -18.47 -2.36 12.76
C THR A 122 -19.55 -3.13 13.54
N ASP A 123 -19.37 -3.33 14.86
CA ASP A 123 -20.34 -4.09 15.68
C ASP A 123 -21.66 -3.31 15.81
N MET A 124 -21.60 -1.99 15.98
CA MET A 124 -22.77 -1.11 16.18
C MET A 124 -23.69 -1.24 14.97
N VAL A 125 -23.12 -1.34 13.76
CA VAL A 125 -23.90 -1.40 12.49
C VAL A 125 -24.26 -2.85 12.12
N HIS A 126 -23.31 -3.76 12.25
CA HIS A 126 -23.36 -5.10 11.63
C HIS A 126 -23.62 -6.22 12.65
N LYS A 127 -23.40 -5.99 13.95
CA LYS A 127 -23.67 -6.99 15.01
C LYS A 127 -23.16 -8.37 14.58
N VAL A 128 -21.84 -8.49 14.44
CA VAL A 128 -21.19 -9.69 13.86
C VAL A 128 -21.65 -10.88 14.70
N PRO A 129 -22.34 -11.89 14.12
CA PRO A 129 -23.00 -12.90 14.93
C PRO A 129 -22.16 -14.12 15.37
N TYR A 130 -20.83 -14.10 15.21
CA TYR A 130 -19.91 -15.14 15.77
C TYR A 130 -18.89 -14.42 16.65
N GLU A 131 -18.20 -15.19 17.49
CA GLU A 131 -17.39 -14.63 18.58
C GLU A 131 -16.05 -14.16 18.03
N ASN A 132 -15.37 -15.00 17.25
CA ASN A 132 -13.93 -14.87 16.90
C ASN A 132 -13.78 -14.05 15.59
N TRP A 133 -14.43 -12.89 15.53
CA TRP A 133 -14.29 -11.90 14.44
C TRP A 133 -13.24 -10.84 14.84
N ASP A 134 -12.65 -10.17 13.86
CA ASP A 134 -11.80 -8.99 14.17
C ASP A 134 -11.78 -8.04 12.96
N VAL A 135 -11.07 -6.94 13.10
CA VAL A 135 -10.78 -6.00 11.98
C VAL A 135 -9.28 -5.77 11.90
N ILE A 136 -8.78 -5.59 10.68
CA ILE A 136 -7.39 -5.15 10.42
C ILE A 136 -7.43 -4.00 9.43
N VAL A 137 -6.40 -3.14 9.46
CA VAL A 137 -6.32 -1.97 8.57
C VAL A 137 -5.92 -2.46 7.17
N SER A 138 -6.29 -1.68 6.17
CA SER A 138 -5.88 -1.81 4.75
C SER A 138 -5.51 -0.40 4.30
N VAL A 139 -4.98 -0.26 3.10
CA VAL A 139 -4.72 1.08 2.52
C VAL A 139 -5.78 1.36 1.46
N GLY A 140 -6.98 0.76 1.63
CA GLY A 140 -8.16 0.88 0.77
C GLY A 140 -8.60 -0.45 0.19
N ASN A 141 -9.75 -0.45 -0.48
CA ASN A 141 -10.40 -1.67 -1.01
C ASN A 141 -9.58 -2.20 -2.19
N THR A 142 -8.87 -1.35 -2.92
CA THR A 142 -8.02 -1.78 -4.08
C THR A 142 -6.96 -2.77 -3.58
N GLU A 143 -6.25 -2.39 -2.52
CA GLU A 143 -5.18 -3.23 -1.92
C GLU A 143 -5.84 -4.43 -1.23
N ALA A 144 -6.92 -4.23 -0.48
CA ALA A 144 -7.54 -5.34 0.28
C ALA A 144 -8.02 -6.40 -0.69
N TRP A 145 -8.51 -6.02 -1.89
CA TRP A 145 -8.90 -6.94 -2.99
C TRP A 145 -7.68 -7.67 -3.53
N ASP A 146 -6.60 -6.94 -3.82
CA ASP A 146 -5.33 -7.58 -4.25
C ASP A 146 -4.92 -8.63 -3.21
N SER A 147 -4.95 -8.28 -1.92
CA SER A 147 -4.59 -9.16 -0.78
C SER A 147 -5.52 -10.37 -0.68
N THR A 148 -6.82 -10.17 -0.92
CA THR A 148 -7.83 -11.25 -0.84
C THR A 148 -7.50 -12.34 -1.86
N LEU A 149 -7.23 -11.93 -3.09
CA LEU A 149 -6.83 -12.86 -4.17
C LEU A 149 -5.56 -13.60 -3.76
N ARG A 150 -4.58 -12.93 -3.15
CA ARG A 150 -3.26 -13.56 -2.78
C ARG A 150 -3.43 -14.49 -1.58
N THR A 151 -4.50 -14.34 -0.81
CA THR A 151 -4.76 -15.05 0.45
C THR A 151 -5.55 -16.32 0.13
N PHE A 152 -6.52 -16.25 -0.78
CA PHE A 152 -7.52 -17.35 -0.98
C PHE A 152 -7.37 -18.05 -2.33
N CYS A 153 -6.49 -17.60 -3.21
CA CYS A 153 -6.40 -18.10 -4.60
C CYS A 153 -4.95 -18.39 -5.00
N SER A 154 -4.76 -19.50 -5.73
CA SER A 154 -3.57 -19.85 -6.52
C SER A 154 -3.91 -19.69 -8.00
N LYS A 155 -2.90 -19.51 -8.83
CA LYS A 155 -3.04 -19.49 -10.30
C LYS A 155 -3.88 -20.71 -10.70
N GLY A 156 -4.85 -20.48 -11.58
CA GLY A 156 -5.74 -21.53 -12.12
C GLY A 156 -6.94 -21.79 -11.25
N ASP A 157 -7.00 -21.26 -10.03
CA ASP A 157 -8.23 -21.33 -9.21
C ASP A 157 -9.31 -20.47 -9.87
N THR A 158 -10.54 -20.68 -9.45
CA THR A 158 -11.74 -19.96 -9.94
C THR A 158 -12.37 -19.19 -8.78
N ILE A 159 -12.79 -17.95 -9.05
CA ILE A 159 -13.71 -17.18 -8.19
C ILE A 159 -14.96 -16.90 -9.02
N LEU A 160 -16.06 -16.61 -8.33
CA LEU A 160 -17.33 -16.18 -8.95
C LEU A 160 -17.36 -14.65 -8.86
N VAL A 161 -17.72 -13.97 -9.95
CA VAL A 161 -17.90 -12.50 -9.98
C VAL A 161 -19.26 -12.18 -10.62
N GLU A 162 -19.78 -10.99 -10.32
CA GLU A 162 -20.97 -10.41 -10.98
C GLU A 162 -20.65 -10.29 -12.48
N GLU A 163 -21.65 -10.59 -13.29
CA GLU A 163 -21.59 -10.71 -14.78
C GLU A 163 -21.04 -9.40 -15.34
N TYR A 164 -21.42 -8.30 -14.73
CA TYR A 164 -20.90 -6.95 -14.99
C TYR A 164 -20.32 -6.44 -13.66
N THR A 165 -19.06 -5.99 -13.66
CA THR A 165 -18.37 -5.67 -12.40
C THR A 165 -17.21 -4.72 -12.67
N PHE A 166 -16.51 -4.37 -11.59
CA PHE A 166 -15.44 -3.35 -11.55
C PHE A 166 -14.26 -3.89 -12.37
N SER A 167 -13.87 -3.19 -13.42
CA SER A 167 -12.78 -3.62 -14.35
C SER A 167 -11.45 -3.76 -13.60
N SER A 168 -11.18 -2.88 -12.66
CA SER A 168 -9.96 -2.97 -11.82
C SER A 168 -9.94 -4.28 -11.01
N ALA A 169 -11.07 -4.73 -10.48
CA ALA A 169 -11.12 -6.00 -9.72
C ALA A 169 -10.80 -7.18 -10.63
N LEU A 170 -11.28 -7.17 -11.87
CA LEU A 170 -10.99 -8.26 -12.83
C LEU A 170 -9.51 -8.18 -13.24
N GLU A 171 -8.97 -6.97 -13.49
CA GLU A 171 -7.54 -6.77 -13.89
C GLU A 171 -6.66 -7.39 -12.80
N SER A 172 -7.01 -7.19 -11.53
CA SER A 172 -6.25 -7.73 -10.38
C SER A 172 -6.26 -9.27 -10.40
N ALA A 173 -7.40 -9.90 -10.70
CA ALA A 173 -7.58 -11.38 -10.80
C ALA A 173 -6.78 -11.94 -12.00
N ASN A 174 -6.94 -11.31 -13.15
CA ASN A 174 -6.21 -11.65 -14.40
C ASN A 174 -4.69 -11.67 -14.13
N GLY A 175 -4.18 -10.66 -13.43
CA GLY A 175 -2.75 -10.57 -13.07
C GLY A 175 -2.28 -11.74 -12.21
N GLN A 176 -3.19 -12.39 -11.46
CA GLN A 176 -2.85 -13.50 -10.55
C GLN A 176 -3.26 -14.83 -11.19
N GLY A 177 -3.65 -14.84 -12.45
CA GLY A 177 -4.05 -16.09 -13.12
C GLY A 177 -5.28 -16.73 -12.48
N VAL A 178 -6.16 -15.93 -11.86
CA VAL A 178 -7.41 -16.40 -11.19
C VAL A 178 -8.57 -16.22 -12.18
N ASN A 179 -9.29 -17.32 -12.42
CA ASN A 179 -10.41 -17.35 -13.39
C ASN A 179 -11.60 -16.62 -12.75
N THR A 180 -12.27 -15.74 -13.49
CA THR A 180 -13.45 -14.97 -13.04
C THR A 180 -14.69 -15.47 -13.79
N VAL A 181 -15.39 -16.43 -13.22
CA VAL A 181 -16.65 -16.99 -13.79
C VAL A 181 -17.82 -16.05 -13.44
N PRO A 182 -18.49 -15.50 -14.48
CA PRO A 182 -19.55 -14.51 -14.29
C PRO A 182 -20.83 -15.16 -13.78
N VAL A 183 -21.47 -14.49 -12.83
CA VAL A 183 -22.76 -14.90 -12.23
C VAL A 183 -23.86 -14.01 -12.82
N THR A 184 -24.95 -14.62 -13.27
CA THR A 184 -26.02 -13.92 -14.02
C THR A 184 -26.72 -12.92 -13.10
N MET A 185 -26.98 -11.72 -13.62
CA MET A 185 -27.67 -10.67 -12.85
C MET A 185 -28.96 -10.32 -13.62
N ASP A 186 -29.94 -9.74 -12.93
CA ASP A 186 -31.02 -8.93 -13.54
C ASP A 186 -30.75 -7.50 -13.08
N GLU A 187 -31.72 -6.59 -13.19
CA GLU A 187 -31.50 -5.16 -12.84
C GLU A 187 -31.32 -5.00 -11.31
N PHE A 188 -31.63 -6.02 -10.51
CA PHE A 188 -31.58 -5.97 -9.03
C PHE A 188 -30.35 -6.72 -8.50
N GLY A 189 -29.48 -7.23 -9.36
CA GLY A 189 -28.23 -7.87 -8.94
C GLY A 189 -28.19 -9.35 -9.27
N ILE A 190 -27.23 -10.07 -8.70
CA ILE A 190 -27.14 -11.55 -8.77
C ILE A 190 -28.52 -12.16 -8.57
N ILE A 191 -28.87 -13.13 -9.43
CA ILE A 191 -30.14 -13.92 -9.34
C ILE A 191 -29.79 -15.18 -8.56
N PRO A 192 -30.17 -15.32 -7.28
CA PRO A 192 -29.68 -16.44 -6.47
C PRO A 192 -30.06 -17.80 -7.10
N GLU A 193 -31.25 -17.90 -7.70
CA GLU A 193 -31.74 -19.18 -8.27
C GLU A 193 -30.75 -19.69 -9.35
N LYS A 194 -30.20 -18.80 -10.16
CA LYS A 194 -29.22 -19.16 -11.22
C LYS A 194 -27.87 -19.50 -10.59
N LEU A 195 -27.52 -18.85 -9.49
CA LEU A 195 -26.21 -19.12 -8.84
C LEU A 195 -26.28 -20.52 -8.22
N GLU A 196 -27.42 -20.85 -7.57
CA GLU A 196 -27.63 -22.18 -6.96
C GLU A 196 -27.53 -23.25 -8.04
N GLU A 197 -28.15 -23.02 -9.19
CA GLU A 197 -28.15 -24.00 -10.31
C GLU A 197 -26.70 -24.13 -10.82
N LEU A 198 -25.95 -23.03 -10.99
CA LEU A 198 -24.55 -23.08 -11.46
C LEU A 198 -23.75 -24.00 -10.52
N MET A 199 -23.94 -23.82 -9.21
CA MET A 199 -23.20 -24.57 -8.17
C MET A 199 -23.71 -26.02 -8.08
N SER A 200 -25.00 -26.28 -8.27
CA SER A 200 -25.53 -27.66 -8.24
C SER A 200 -24.87 -28.50 -9.35
N ARG A 201 -24.55 -27.88 -10.49
CA ARG A 201 -23.95 -28.57 -11.68
C ARG A 201 -22.42 -28.54 -11.63
N TRP A 202 -21.81 -27.98 -10.58
CA TRP A 202 -20.38 -27.58 -10.67
C TRP A 202 -19.49 -28.83 -10.75
N VAL A 203 -18.65 -28.86 -11.78
CA VAL A 203 -17.61 -29.91 -12.00
C VAL A 203 -16.22 -29.32 -11.76
N GLY A 204 -15.35 -30.15 -11.17
CA GLY A 204 -13.96 -29.82 -10.82
C GLY A 204 -13.90 -29.08 -9.50
N ASN A 205 -12.75 -28.49 -9.21
CA ASN A 205 -12.52 -27.79 -7.92
C ASN A 205 -13.57 -26.68 -7.77
N LYS A 206 -14.19 -26.55 -6.62
CA LYS A 206 -15.19 -25.48 -6.38
C LYS A 206 -14.50 -24.11 -6.42
N PRO A 207 -15.29 -23.06 -6.72
CA PRO A 207 -14.77 -21.70 -6.68
C PRO A 207 -14.39 -21.41 -5.22
N LYS A 208 -13.37 -20.58 -5.00
CA LYS A 208 -12.88 -20.28 -3.65
C LYS A 208 -13.88 -19.35 -2.96
N PHE A 209 -14.44 -18.41 -3.70
CA PHE A 209 -15.37 -17.39 -3.15
C PHE A 209 -16.15 -16.69 -4.26
N LEU A 210 -17.16 -15.94 -3.82
CA LEU A 210 -17.98 -15.01 -4.63
C LEU A 210 -17.54 -13.60 -4.27
N TYR A 211 -17.20 -12.82 -5.27
CA TYR A 211 -16.83 -11.39 -5.15
C TYR A 211 -18.07 -10.59 -5.54
N THR A 212 -18.57 -9.78 -4.60
CA THR A 212 -19.77 -8.97 -4.84
C THR A 212 -19.56 -7.56 -4.28
N ILE A 213 -19.90 -6.55 -5.07
CA ILE A 213 -20.09 -5.14 -4.64
C ILE A 213 -21.58 -4.99 -4.41
N CYS A 214 -22.06 -5.52 -3.30
CA CYS A 214 -23.50 -5.86 -3.21
C CYS A 214 -24.37 -4.62 -2.98
N THR A 215 -23.79 -3.50 -2.56
CA THR A 215 -24.53 -2.24 -2.34
C THR A 215 -24.00 -1.16 -3.29
N GLY A 216 -24.88 -0.58 -4.12
CA GLY A 216 -24.48 0.38 -5.18
C GLY A 216 -23.48 -0.24 -6.17
N GLN A 217 -23.82 -1.45 -6.65
CA GLN A 217 -22.98 -2.33 -7.49
C GLN A 217 -22.44 -1.54 -8.68
N ASN A 218 -21.13 -1.67 -8.93
CA ASN A 218 -20.44 -1.01 -10.06
C ASN A 218 -20.35 -2.05 -11.17
N PRO A 219 -20.99 -1.87 -12.34
CA PRO A 219 -21.65 -0.62 -12.79
C PRO A 219 -23.18 -0.53 -12.76
N THR A 220 -23.86 -1.56 -12.28
CA THR A 220 -25.31 -1.76 -12.52
C THR A 220 -26.12 -0.78 -11.67
N GLY A 221 -25.55 -0.31 -10.56
CA GLY A 221 -26.26 0.57 -9.62
C GLY A 221 -27.28 -0.19 -8.80
N SER A 222 -27.30 -1.53 -8.91
CA SER A 222 -28.18 -2.42 -8.11
C SER A 222 -27.67 -2.56 -6.67
N SER A 223 -28.54 -3.00 -5.77
CA SER A 223 -28.22 -3.38 -4.37
C SER A 223 -28.96 -4.67 -4.04
N LEU A 224 -28.26 -5.69 -3.60
CA LEU A 224 -28.97 -6.94 -3.27
C LEU A 224 -29.93 -6.68 -2.12
N SER A 225 -31.19 -7.08 -2.29
CA SER A 225 -32.21 -7.11 -1.22
C SER A 225 -31.76 -8.03 -0.08
N ALA A 226 -32.28 -7.77 1.12
CA ALA A 226 -32.10 -8.62 2.31
C ALA A 226 -32.35 -10.08 1.90
N GLU A 227 -33.42 -10.31 1.15
CA GLU A 227 -33.86 -11.67 0.73
C GLU A 227 -32.81 -12.34 -0.17
N ARG A 228 -32.32 -11.66 -1.19
CA ARG A 228 -31.25 -12.18 -2.05
C ARG A 228 -30.01 -12.45 -1.20
N ARG A 229 -29.70 -11.60 -0.19
CA ARG A 229 -28.47 -11.79 0.62
C ARG A 229 -28.61 -13.10 1.38
N LYS A 230 -29.79 -13.37 1.93
CA LYS A 230 -30.11 -14.63 2.63
C LYS A 230 -29.89 -15.82 1.71
N GLN A 231 -30.50 -15.80 0.53
CA GLN A 231 -30.44 -16.94 -0.42
C GLN A 231 -28.98 -17.16 -0.82
N ILE A 232 -28.25 -16.06 -1.05
CA ILE A 232 -26.83 -16.14 -1.50
C ILE A 232 -26.00 -16.69 -0.34
N TYR A 233 -26.27 -16.28 0.90
CA TYR A 233 -25.50 -16.76 2.08
C TYR A 233 -25.67 -18.29 2.18
N ASP A 234 -26.91 -18.77 2.03
CA ASP A 234 -27.29 -20.21 2.09
C ASP A 234 -26.49 -20.98 1.03
N ILE A 235 -26.36 -20.44 -0.18
CA ILE A 235 -25.60 -21.10 -1.26
C ILE A 235 -24.11 -21.20 -0.87
N ALA A 236 -23.51 -20.13 -0.37
CA ALA A 236 -22.11 -20.11 0.10
C ALA A 236 -21.89 -21.18 1.19
N CYS A 237 -22.82 -21.31 2.14
CA CYS A 237 -22.74 -22.34 3.22
C CYS A 237 -22.88 -23.76 2.64
N LYS A 238 -23.87 -23.97 1.79
CA LYS A 238 -24.20 -25.29 1.19
C LYS A 238 -23.00 -25.80 0.36
N TYR A 239 -22.29 -24.93 -0.35
CA TYR A 239 -21.22 -25.35 -1.30
C TYR A 239 -19.83 -25.00 -0.74
N ASP A 240 -19.79 -24.35 0.43
CA ASP A 240 -18.55 -24.05 1.18
C ASP A 240 -17.58 -23.18 0.33
N PHE A 241 -17.99 -21.98 -0.08
CA PHE A 241 -17.09 -20.91 -0.57
C PHE A 241 -17.30 -19.65 0.31
N LEU A 242 -16.36 -18.71 0.26
CA LEU A 242 -16.45 -17.45 1.04
C LEU A 242 -17.28 -16.45 0.22
N ILE A 243 -17.73 -15.39 0.88
CA ILE A 243 -18.30 -14.19 0.24
C ILE A 243 -17.39 -13.03 0.60
N ILE A 244 -16.85 -12.39 -0.42
CA ILE A 244 -16.04 -11.16 -0.28
C ILE A 244 -16.97 -10.03 -0.63
N GLU A 245 -17.48 -9.30 0.36
CA GLU A 245 -18.34 -8.14 0.09
C GLU A 245 -17.43 -6.93 0.03
N ASP A 246 -17.24 -6.39 -1.18
CA ASP A 246 -16.40 -5.20 -1.41
C ASP A 246 -17.38 -4.02 -1.38
N GLU A 247 -17.34 -3.26 -0.29
CA GLU A 247 -18.46 -2.39 0.13
C GLU A 247 -18.03 -0.95 0.38
N PRO A 248 -17.36 -0.30 -0.59
CA PRO A 248 -17.00 1.11 -0.46
C PRO A 248 -18.21 2.07 -0.52
N TYR A 249 -19.35 1.61 -1.04
CA TYR A 249 -20.57 2.43 -1.25
C TYR A 249 -21.67 2.07 -0.24
N TYR A 250 -21.36 1.31 0.81
CA TYR A 250 -22.39 0.88 1.79
C TYR A 250 -23.10 2.10 2.37
N PHE A 251 -22.36 3.18 2.61
CA PHE A 251 -22.96 4.38 3.27
C PHE A 251 -23.42 5.39 2.20
N LEU A 252 -23.55 4.97 0.94
CA LEU A 252 -24.29 5.75 -0.09
C LEU A 252 -25.69 5.15 -0.30
N GLN A 253 -26.18 4.34 0.63
CA GLN A 253 -27.61 3.95 0.67
C GLN A 253 -28.44 5.24 0.76
N MET A 254 -29.60 5.20 0.13
CA MET A 254 -30.47 6.36 -0.07
C MET A 254 -31.90 5.98 0.29
N GLU A 255 -32.75 7.00 0.44
CA GLU A 255 -34.22 6.83 0.50
C GLU A 255 -34.65 6.14 -0.80
N THR A 256 -35.67 5.27 -0.74
CA THR A 256 -36.34 4.69 -1.92
C THR A 256 -36.84 5.82 -2.84
N TYR A 257 -36.59 5.73 -4.14
CA TYR A 257 -37.06 6.71 -5.14
C TYR A 257 -38.59 6.66 -5.19
N THR A 258 -39.21 7.82 -5.20
CA THR A 258 -40.63 8.03 -5.61
C THR A 258 -40.71 9.20 -6.58
N LYS A 259 -41.59 9.12 -7.59
CA LYS A 259 -41.89 10.21 -8.55
C LYS A 259 -42.53 11.39 -7.80
N ASP A 260 -43.29 11.11 -6.74
CA ASP A 260 -44.07 12.12 -5.99
C ASP A 260 -43.13 13.00 -5.15
N LYS A 261 -42.70 14.13 -5.71
CA LYS A 261 -41.72 15.04 -5.05
C LYS A 261 -42.19 15.44 -3.65
N ALA A 262 -43.50 15.55 -3.44
CA ALA A 262 -44.10 16.02 -2.16
C ALA A 262 -43.84 15.01 -1.06
N ALA A 263 -43.75 13.71 -1.39
CA ALA A 263 -43.63 12.60 -0.42
C ALA A 263 -42.18 12.47 0.10
N ARG A 264 -41.21 13.15 -0.52
CA ARG A 264 -39.76 12.82 -0.36
C ARG A 264 -39.28 13.20 1.05
N GLU A 265 -39.59 14.42 1.51
CA GLU A 265 -39.09 14.93 2.81
C GLU A 265 -39.62 14.08 3.97
N GLY A 266 -40.88 13.70 3.94
CA GLY A 266 -41.55 13.01 5.06
C GLY A 266 -41.00 11.61 5.26
N LYS A 267 -40.44 11.03 4.20
CA LYS A 267 -39.96 9.64 4.10
C LYS A 267 -38.50 9.55 4.59
N ALA A 268 -37.77 10.65 4.61
CA ALA A 268 -36.31 10.75 4.88
C ALA A 268 -35.99 10.35 6.33
N VAL A 269 -34.85 9.68 6.56
CA VAL A 269 -34.38 9.41 7.95
C VAL A 269 -33.92 10.74 8.54
N HIS A 270 -34.27 10.99 9.80
CA HIS A 270 -33.77 12.15 10.59
C HIS A 270 -32.91 11.66 11.78
N ASP A 271 -33.30 10.58 12.43
CA ASP A 271 -32.70 10.11 13.71
C ASP A 271 -31.75 8.95 13.44
N HIS A 272 -30.85 8.72 14.40
CA HIS A 272 -29.88 7.62 14.44
C HIS A 272 -30.59 6.28 14.43
N ASP A 273 -31.66 6.10 15.20
CA ASP A 273 -32.39 4.80 15.25
C ASP A 273 -32.99 4.52 13.86
N GLU A 274 -33.73 5.45 13.27
CA GLU A 274 -34.32 5.30 11.91
C GLU A 274 -33.21 4.91 10.92
N PHE A 275 -32.05 5.56 11.03
CA PHE A 275 -30.91 5.33 10.12
C PHE A 275 -30.44 3.88 10.21
N LEU A 276 -30.09 3.42 11.41
CA LEU A 276 -29.56 2.06 11.63
C LEU A 276 -30.61 1.02 11.19
N LYS A 277 -31.91 1.34 11.25
CA LYS A 277 -32.97 0.37 10.82
C LYS A 277 -33.14 0.38 9.29
N ALA A 278 -32.85 1.48 8.60
CA ALA A 278 -33.06 1.56 7.13
C ALA A 278 -31.91 0.85 6.40
N LEU A 279 -30.76 0.62 7.04
CA LEU A 279 -29.56 0.10 6.32
C LEU A 279 -29.80 -1.37 5.95
N VAL A 280 -29.50 -1.76 4.71
CA VAL A 280 -29.60 -3.19 4.29
C VAL A 280 -28.62 -4.00 5.13
N PRO A 281 -29.05 -5.19 5.61
CA PRO A 281 -28.15 -6.12 6.26
C PRO A 281 -26.95 -6.47 5.38
N SER A 282 -25.76 -6.25 5.90
CA SER A 282 -24.48 -6.75 5.34
C SER A 282 -24.46 -8.27 5.33
N PHE A 283 -23.65 -8.85 4.46
CA PHE A 283 -23.31 -10.28 4.57
C PHE A 283 -22.66 -10.54 5.94
N ILE A 284 -21.82 -9.67 6.51
CA ILE A 284 -21.21 -10.02 7.82
C ILE A 284 -22.32 -10.10 8.89
N SER A 285 -23.41 -9.34 8.78
CA SER A 285 -24.52 -9.41 9.77
C SER A 285 -25.20 -10.79 9.71
N LEU A 286 -25.13 -11.46 8.56
CA LEU A 286 -25.76 -12.78 8.32
C LEU A 286 -24.76 -13.89 8.62
N ASP A 287 -23.49 -13.56 8.86
CA ASP A 287 -22.39 -14.53 8.67
C ASP A 287 -22.20 -15.43 9.91
N VAL A 288 -23.19 -16.27 10.24
CA VAL A 288 -23.14 -17.16 11.46
C VAL A 288 -21.90 -18.08 11.36
N GLU A 289 -21.47 -18.44 10.17
CA GLU A 289 -20.36 -19.40 9.93
C GLU A 289 -18.96 -18.73 9.87
N GLY A 290 -18.87 -17.38 9.77
CA GLY A 290 -17.56 -16.73 9.59
C GLY A 290 -16.94 -16.96 8.22
N ARG A 291 -17.77 -17.13 7.18
CA ARG A 291 -17.32 -17.33 5.78
C ARG A 291 -17.40 -16.03 4.95
N VAL A 292 -17.61 -14.89 5.60
CA VAL A 292 -17.63 -13.59 4.88
C VAL A 292 -16.38 -12.79 5.27
N VAL A 293 -15.74 -12.15 4.29
CA VAL A 293 -14.72 -11.09 4.50
C VAL A 293 -15.29 -9.79 3.91
N ARG A 294 -15.27 -8.72 4.69
CA ARG A 294 -15.82 -7.44 4.23
C ARG A 294 -14.64 -6.51 3.98
N LEU A 295 -14.59 -5.88 2.82
CA LEU A 295 -13.59 -4.84 2.53
C LEU A 295 -14.30 -3.49 2.71
N ASP A 296 -13.89 -2.75 3.72
CA ASP A 296 -14.45 -1.41 4.06
C ASP A 296 -13.43 -0.33 3.76
N SER A 297 -13.90 0.83 3.36
CA SER A 297 -13.02 1.98 2.98
C SER A 297 -13.68 3.29 3.38
N PHE A 298 -12.86 4.29 3.72
CA PHE A 298 -13.27 5.71 3.87
C PHE A 298 -13.24 6.47 2.56
N SER A 299 -12.85 5.87 1.44
CA SER A 299 -12.65 6.64 0.18
C SER A 299 -13.90 7.42 -0.24
N LYS A 300 -15.10 6.83 -0.14
CA LYS A 300 -16.35 7.50 -0.59
C LYS A 300 -17.06 8.20 0.57
N VAL A 301 -16.56 8.06 1.80
CA VAL A 301 -17.17 8.65 3.03
C VAL A 301 -16.37 9.90 3.45
N LEU A 302 -15.05 9.79 3.57
CA LEU A 302 -14.17 10.91 4.00
C LEU A 302 -13.43 11.48 2.80
N ALA A 303 -12.38 10.83 2.29
CA ALA A 303 -11.68 11.27 1.06
C ALA A 303 -10.85 10.11 0.56
N PRO A 304 -10.76 9.95 -0.78
CA PRO A 304 -9.94 8.90 -1.39
C PRO A 304 -8.48 8.92 -0.91
N GLY A 305 -7.95 10.10 -0.62
CA GLY A 305 -6.52 10.28 -0.32
C GLY A 305 -6.14 9.84 1.07
N LEU A 306 -7.11 9.52 1.93
CA LEU A 306 -6.78 8.82 3.21
C LEU A 306 -5.97 7.56 2.91
N ARG A 307 -6.29 6.83 1.84
CA ARG A 307 -5.70 5.49 1.59
C ARG A 307 -5.79 4.68 2.89
N LEU A 308 -6.99 4.59 3.45
CA LEU A 308 -7.25 3.89 4.71
C LEU A 308 -8.59 3.19 4.60
N GLY A 309 -8.55 1.88 4.79
CA GLY A 309 -9.76 1.07 4.96
C GLY A 309 -9.51 0.02 6.00
N TRP A 310 -10.38 -0.98 6.07
CA TRP A 310 -10.18 -2.09 7.02
C TRP A 310 -10.82 -3.34 6.45
N ILE A 311 -10.46 -4.48 7.02
CA ILE A 311 -10.99 -5.78 6.61
C ILE A 311 -11.63 -6.44 7.83
N VAL A 312 -12.85 -6.92 7.65
CA VAL A 312 -13.65 -7.58 8.73
C VAL A 312 -13.78 -9.05 8.37
N GLY A 313 -13.52 -9.94 9.32
CA GLY A 313 -13.53 -11.39 9.05
C GLY A 313 -13.09 -12.16 10.26
N GLN A 314 -13.01 -13.48 10.15
CA GLN A 314 -12.69 -14.31 11.35
C GLN A 314 -11.18 -14.20 11.59
N LYS A 315 -10.80 -14.21 12.86
CA LYS A 315 -9.43 -13.97 13.38
C LYS A 315 -8.40 -14.74 12.57
N ASP A 316 -8.61 -16.05 12.37
CA ASP A 316 -7.56 -16.92 11.79
C ASP A 316 -7.35 -16.60 10.30
N LEU A 317 -8.37 -16.06 9.62
CA LEU A 317 -8.19 -15.69 8.20
C LEU A 317 -7.49 -14.32 8.15
N LEU A 318 -7.85 -13.37 9.01
CA LEU A 318 -7.23 -12.01 9.02
C LEU A 318 -5.73 -12.10 9.34
N GLU A 319 -5.33 -13.04 10.20
CA GLU A 319 -3.91 -13.23 10.58
C GLU A 319 -3.10 -13.49 9.30
N ARG A 320 -3.67 -14.14 8.30
CA ARG A 320 -2.99 -14.45 7.02
C ARG A 320 -2.87 -13.20 6.17
N TYR A 321 -3.87 -12.32 6.18
CA TYR A 321 -3.77 -10.98 5.54
C TYR A 321 -2.61 -10.19 6.18
N VAL A 322 -2.48 -10.27 7.52
CA VAL A 322 -1.44 -9.53 8.26
C VAL A 322 -0.04 -10.02 7.82
N ARG A 323 0.16 -11.34 7.70
CA ARG A 323 1.46 -11.90 7.23
C ARG A 323 1.79 -11.30 5.86
N LEU A 324 0.80 -11.29 4.95
CA LEU A 324 0.98 -10.73 3.59
C LEU A 324 1.26 -9.23 3.72
N HIS A 325 0.46 -8.51 4.49
CA HIS A 325 0.63 -7.04 4.64
C HIS A 325 2.05 -6.71 5.11
N GLU A 326 2.65 -7.50 6.01
CA GLU A 326 4.00 -7.23 6.58
C GLU A 326 5.06 -7.10 5.48
N VAL A 327 4.91 -7.84 4.37
CA VAL A 327 5.95 -7.95 3.30
C VAL A 327 5.40 -7.37 1.98
N SER A 328 4.28 -6.67 2.03
CA SER A 328 3.75 -5.89 0.90
C SER A 328 3.56 -4.44 1.39
N VAL A 329 2.36 -4.04 1.80
CA VAL A 329 2.06 -2.60 2.03
C VAL A 329 2.66 -2.13 3.37
N GLN A 330 2.87 -3.03 4.32
CA GLN A 330 3.51 -2.75 5.64
C GLN A 330 2.49 -2.13 6.61
N ASN A 331 2.03 -0.90 6.36
CA ASN A 331 1.00 -0.20 7.16
C ASN A 331 0.50 1.01 6.38
N PRO A 332 -0.73 1.51 6.67
CA PRO A 332 -1.18 2.76 6.09
C PRO A 332 -0.32 3.90 6.67
N SER A 333 -0.25 5.01 5.95
CA SER A 333 0.30 6.28 6.44
C SER A 333 -0.14 6.50 7.89
N GLY A 334 0.83 6.78 8.78
CA GLY A 334 0.56 7.19 10.17
C GLY A 334 -0.12 8.55 10.23
N PHE A 335 0.12 9.43 9.23
CA PHE A 335 -0.64 10.70 9.16
C PHE A 335 -2.10 10.36 8.91
N SER A 336 -2.36 9.53 7.91
CA SER A 336 -3.75 9.11 7.57
C SER A 336 -4.43 8.47 8.80
N GLU A 337 -3.79 7.50 9.43
CA GLU A 337 -4.43 6.77 10.55
C GLU A 337 -4.57 7.71 11.75
N ALA A 338 -3.56 8.50 12.08
CA ALA A 338 -3.56 9.43 13.24
C ALA A 338 -4.62 10.51 13.04
N LEU A 339 -4.76 11.07 11.84
CA LEU A 339 -5.78 12.11 11.57
C LEU A 339 -7.20 11.50 11.51
N ALA A 340 -7.36 10.29 10.98
CA ALA A 340 -8.67 9.61 10.91
C ALA A 340 -9.13 9.31 12.33
N ASN A 341 -8.25 8.72 13.15
CA ASN A 341 -8.50 8.45 14.58
C ASN A 341 -8.98 9.75 15.27
N ALA A 342 -8.26 10.86 15.06
CA ALA A 342 -8.54 12.17 15.71
C ALA A 342 -9.93 12.64 15.29
N LEU A 343 -10.18 12.67 13.99
CA LEU A 343 -11.50 13.11 13.46
C LEU A 343 -12.59 12.23 14.06
N LEU A 344 -12.43 10.90 14.02
CA LEU A 344 -13.55 9.99 14.39
C LEU A 344 -13.84 10.11 15.89
N ARG A 345 -12.78 10.22 16.71
CA ARG A 345 -12.91 10.34 18.18
C ARG A 345 -13.46 11.71 18.57
N LYS A 346 -13.17 12.75 17.80
CA LYS A 346 -13.68 14.12 18.04
C LYS A 346 -15.19 14.16 17.75
N TRP A 347 -15.61 13.63 16.61
CA TRP A 347 -17.05 13.51 16.24
C TRP A 347 -17.72 12.50 17.18
N GLY A 348 -16.98 11.45 17.52
CA GLY A 348 -17.50 10.25 18.20
C GLY A 348 -18.45 9.48 17.30
N HIS A 349 -18.90 8.34 17.79
CA HIS A 349 -19.86 7.48 17.05
C HIS A 349 -21.10 8.28 16.73
N SER A 350 -21.52 9.19 17.62
CA SER A 350 -22.71 10.04 17.40
C SER A 350 -22.46 10.98 16.22
N GLY A 351 -21.34 11.70 16.20
CA GLY A 351 -20.98 12.61 15.09
C GLY A 351 -20.75 11.85 13.77
N TYR A 352 -20.16 10.66 13.84
CA TYR A 352 -19.91 9.85 12.63
C TYR A 352 -21.26 9.42 12.03
N LEU A 353 -22.20 8.99 12.86
CA LEU A 353 -23.58 8.67 12.41
C LEU A 353 -24.21 9.91 11.77
N ASP A 354 -24.06 11.07 12.40
CA ASP A 354 -24.55 12.36 11.87
C ASP A 354 -24.00 12.60 10.46
N TRP A 355 -22.71 12.32 10.25
CA TRP A 355 -22.02 12.52 8.95
C TRP A 355 -22.62 11.55 7.91
N LEU A 356 -22.81 10.29 8.30
CA LEU A 356 -23.32 9.24 7.38
C LEU A 356 -24.77 9.58 7.00
N ILE A 357 -25.53 10.17 7.93
CA ILE A 357 -26.93 10.60 7.66
C ILE A 357 -26.93 11.80 6.71
N GLY A 358 -25.94 12.71 6.80
CA GLY A 358 -25.85 13.86 5.87
C GLY A 358 -25.47 13.35 4.47
N LEU A 359 -24.53 12.40 4.42
CA LEU A 359 -24.09 11.74 3.18
C LEU A 359 -25.32 11.11 2.50
N ARG A 360 -26.14 10.37 3.25
CA ARG A 360 -27.37 9.70 2.74
C ARG A 360 -28.31 10.75 2.15
N ALA A 361 -28.51 11.89 2.84
CA ALA A 361 -29.36 12.98 2.33
C ALA A 361 -28.78 13.55 1.04
N GLU A 362 -27.47 13.81 0.98
CA GLU A 362 -26.83 14.42 -0.20
C GLU A 362 -27.03 13.50 -1.42
N TYR A 363 -26.77 12.20 -1.25
CA TYR A 363 -26.81 11.24 -2.39
C TYR A 363 -28.26 11.03 -2.82
N THR A 364 -29.18 10.86 -1.87
CA THR A 364 -30.63 10.73 -2.11
C THR A 364 -31.06 11.85 -3.06
N HIS A 365 -30.65 13.10 -2.83
CA HIS A 365 -31.09 14.25 -3.66
C HIS A 365 -30.47 14.20 -5.07
N LYS A 366 -29.19 13.89 -5.19
CA LYS A 366 -28.49 13.72 -6.49
C LYS A 366 -29.22 12.67 -7.32
N ARG A 367 -29.58 11.55 -6.69
CA ARG A 367 -30.25 10.42 -7.36
C ARG A 367 -31.64 10.90 -7.82
N ASP A 368 -32.35 11.66 -6.99
CA ASP A 368 -33.70 12.17 -7.32
C ASP A 368 -33.60 13.00 -8.60
N VAL A 369 -32.64 13.91 -8.68
CA VAL A 369 -32.46 14.82 -9.84
C VAL A 369 -32.08 13.99 -11.08
N ALA A 370 -31.19 13.01 -10.93
CA ALA A 370 -30.74 12.17 -12.05
C ALA A 370 -31.91 11.38 -12.61
N ILE A 371 -32.65 10.68 -11.75
CA ILE A 371 -33.76 9.81 -12.19
C ILE A 371 -34.91 10.69 -12.72
N ASP A 372 -35.22 11.80 -12.06
CA ASP A 372 -36.25 12.75 -12.57
C ASP A 372 -35.85 13.16 -14.00
N ALA A 373 -34.57 13.44 -14.26
CA ALA A 373 -34.11 13.85 -15.61
C ALA A 373 -34.21 12.66 -16.58
N LEU A 374 -33.85 11.43 -16.20
CA LEU A 374 -34.00 10.21 -17.05
C LEU A 374 -35.47 10.07 -17.48
N ASP A 375 -36.36 10.18 -16.51
CA ASP A 375 -37.82 10.02 -16.70
C ASP A 375 -38.27 11.04 -17.76
N GLN A 376 -37.78 12.28 -17.62
CA GLN A 376 -38.22 13.43 -18.45
C GLN A 376 -37.68 13.35 -19.89
N PHE A 377 -36.40 13.00 -20.09
CA PHE A 377 -35.69 13.23 -21.39
C PHE A 377 -35.43 11.94 -22.18
N VAL A 378 -35.39 10.75 -21.58
CA VAL A 378 -34.95 9.53 -22.31
C VAL A 378 -36.18 8.83 -22.89
N PRO A 379 -36.26 8.67 -24.23
CA PRO A 379 -37.45 8.12 -24.86
C PRO A 379 -37.80 6.72 -24.32
N LYS A 380 -39.03 6.58 -23.85
CA LYS A 380 -39.49 5.37 -23.15
C LYS A 380 -39.72 4.23 -24.13
N GLU A 381 -39.89 4.54 -25.43
CA GLU A 381 -40.20 3.50 -26.47
C GLU A 381 -39.12 2.43 -26.49
N VAL A 382 -37.86 2.79 -26.24
CA VAL A 382 -36.69 1.88 -26.47
C VAL A 382 -35.82 1.76 -25.21
N SER A 383 -36.22 2.38 -24.11
CA SER A 383 -35.39 2.49 -22.89
C SER A 383 -36.16 2.02 -21.66
N SER A 384 -35.41 1.75 -20.61
CA SER A 384 -35.96 1.58 -19.24
C SER A 384 -34.86 1.95 -18.26
N PHE A 385 -35.23 2.11 -16.99
CA PHE A 385 -34.24 2.48 -15.95
C PHE A 385 -34.80 1.97 -14.63
N ASN A 386 -33.88 1.50 -13.81
CA ASN A 386 -34.11 1.07 -12.40
C ASN A 386 -33.51 2.16 -11.50
N PRO A 387 -34.31 3.02 -10.82
CA PRO A 387 -33.76 3.98 -9.86
C PRO A 387 -32.93 3.25 -8.79
N PRO A 388 -31.67 3.59 -8.57
CA PRO A 388 -30.91 2.96 -7.51
C PRO A 388 -31.39 3.34 -6.10
N VAL A 389 -31.28 2.38 -5.19
CA VAL A 389 -31.49 2.61 -3.72
C VAL A 389 -30.14 2.83 -3.04
N ALA A 390 -29.01 2.64 -3.70
CA ALA A 390 -27.67 2.92 -3.11
C ALA A 390 -26.66 3.20 -4.21
N GLY A 391 -25.63 3.97 -3.86
CA GLY A 391 -24.42 4.11 -4.68
C GLY A 391 -24.40 5.42 -5.43
N MET A 392 -23.44 5.57 -6.32
CA MET A 392 -23.20 6.81 -7.10
C MET A 392 -23.53 6.58 -8.58
N PHE A 393 -23.98 5.38 -8.96
CA PHE A 393 -24.21 5.02 -10.37
C PHE A 393 -25.70 4.87 -10.67
N PHE A 394 -26.08 5.38 -11.84
CA PHE A 394 -27.37 5.04 -12.48
C PHE A 394 -27.09 4.40 -13.82
N THR A 395 -28.07 3.64 -14.33
CA THR A 395 -28.00 3.01 -15.65
C THR A 395 -29.23 3.36 -16.48
N VAL A 396 -29.02 3.40 -17.78
CA VAL A 396 -30.10 3.39 -18.79
C VAL A 396 -29.94 2.15 -19.66
N THR A 397 -30.99 1.35 -19.72
CA THR A 397 -31.05 0.10 -20.53
C THR A 397 -31.77 0.44 -21.84
N LEU A 398 -31.31 -0.15 -22.94
CA LEU A 398 -31.85 0.12 -24.29
C LEU A 398 -32.12 -1.20 -24.97
N ASP A 399 -33.21 -1.31 -25.72
CA ASP A 399 -33.49 -2.51 -26.54
C ASP A 399 -32.81 -2.28 -27.90
N ALA A 400 -31.62 -2.84 -28.10
CA ALA A 400 -30.79 -2.65 -29.32
C ALA A 400 -31.58 -3.14 -30.54
N SER A 401 -32.40 -4.17 -30.36
CA SER A 401 -33.21 -4.79 -31.43
C SER A 401 -34.20 -3.80 -32.05
N LYS A 402 -34.44 -2.65 -31.42
CA LYS A 402 -35.39 -1.64 -31.94
C LYS A 402 -34.61 -0.58 -32.70
N HIS A 403 -33.27 -0.63 -32.76
CA HIS A 403 -32.49 0.37 -33.52
C HIS A 403 -32.77 0.15 -35.01
N PRO A 404 -33.07 1.20 -35.82
CA PRO A 404 -33.41 1.01 -37.23
C PRO A 404 -32.30 0.36 -38.09
N LYS A 405 -31.04 0.36 -37.63
CA LYS A 405 -29.91 -0.25 -38.36
C LYS A 405 -29.56 -1.62 -37.78
N TYR A 406 -30.39 -2.19 -36.93
CA TYR A 406 -30.11 -3.50 -36.29
C TYR A 406 -29.73 -4.55 -37.36
N LYS A 407 -30.47 -4.61 -38.46
CA LYS A 407 -30.21 -5.60 -39.55
C LYS A 407 -28.86 -5.29 -40.23
N GLU A 408 -28.64 -4.02 -40.54
CA GLU A 408 -27.42 -3.46 -41.14
C GLU A 408 -26.21 -3.75 -40.25
N PHE A 409 -26.44 -3.82 -38.93
CA PHE A 409 -25.47 -4.17 -37.86
C PHE A 409 -25.37 -5.69 -37.65
N LEU A 410 -26.02 -6.50 -38.49
CA LEU A 410 -26.02 -7.98 -38.34
C LEU A 410 -26.53 -8.38 -36.95
N GLU A 411 -27.51 -7.65 -36.42
CA GLU A 411 -28.20 -7.92 -35.13
C GLU A 411 -27.17 -7.99 -33.99
N ASP A 412 -26.13 -7.16 -34.04
CA ASP A 412 -25.07 -7.07 -33.02
C ASP A 412 -25.39 -5.91 -32.06
N PRO A 413 -25.90 -6.19 -30.84
CA PRO A 413 -26.27 -5.12 -29.91
C PRO A 413 -25.09 -4.19 -29.64
N LEU A 414 -23.86 -4.72 -29.69
CA LEU A 414 -22.62 -3.96 -29.38
C LEU A 414 -22.39 -2.90 -30.45
N LYS A 415 -22.89 -3.09 -31.68
CA LYS A 415 -22.79 -2.04 -32.72
C LYS A 415 -23.82 -0.96 -32.42
N VAL A 416 -24.97 -1.35 -31.88
CA VAL A 416 -25.97 -0.33 -31.45
C VAL A 416 -25.39 0.43 -30.26
N GLU A 417 -24.78 -0.26 -29.29
CA GLU A 417 -24.09 0.41 -28.15
C GLU A 417 -23.04 1.43 -28.64
N ALA A 418 -22.17 1.02 -29.57
CA ALA A 418 -21.10 1.89 -30.12
C ALA A 418 -21.74 3.12 -30.78
N ALA A 419 -22.84 2.91 -31.51
CA ALA A 419 -23.52 4.00 -32.26
C ALA A 419 -24.15 5.00 -31.29
N VAL A 420 -24.78 4.53 -30.22
CA VAL A 420 -25.41 5.41 -29.20
C VAL A 420 -24.30 6.17 -28.46
N HIS A 421 -23.23 5.48 -28.06
CA HIS A 421 -22.06 6.11 -27.40
C HIS A 421 -21.55 7.27 -28.27
N GLU A 422 -21.30 7.01 -29.56
CA GLU A 422 -20.77 8.06 -30.51
C GLU A 422 -21.78 9.22 -30.61
N GLN A 423 -23.08 8.92 -30.78
CA GLN A 423 -24.10 9.98 -30.86
C GLN A 423 -24.13 10.76 -29.52
N ALA A 424 -24.00 10.10 -28.37
CA ALA A 424 -23.99 10.79 -27.07
C ALA A 424 -22.80 11.77 -27.05
N ILE A 425 -21.60 11.30 -27.41
CA ILE A 425 -20.39 12.17 -27.48
C ILE A 425 -20.70 13.39 -28.39
N LYS A 426 -21.23 13.16 -29.58
CA LYS A 426 -21.63 14.22 -30.55
C LYS A 426 -22.66 15.20 -29.95
N GLN A 427 -23.58 14.74 -29.09
CA GLN A 427 -24.57 15.64 -28.45
C GLN A 427 -23.95 16.33 -27.22
N GLY A 428 -22.75 15.96 -26.83
CA GLY A 428 -22.00 16.60 -25.71
C GLY A 428 -22.24 15.91 -24.37
N CYS A 429 -22.47 14.60 -24.34
CA CYS A 429 -22.68 13.86 -23.06
C CYS A 429 -21.94 12.53 -23.17
N LEU A 430 -21.35 12.09 -22.08
CA LEU A 430 -20.53 10.89 -22.09
C LEU A 430 -20.93 10.02 -20.89
N LEU A 431 -21.35 8.80 -21.21
CA LEU A 431 -21.65 7.73 -20.23
C LEU A 431 -20.73 6.57 -20.58
N ALA A 432 -20.57 5.60 -19.67
CA ALA A 432 -19.71 4.42 -19.87
C ALA A 432 -20.55 3.28 -20.42
N PRO A 433 -20.22 2.77 -21.64
CA PRO A 433 -20.88 1.58 -22.15
C PRO A 433 -20.79 0.39 -21.18
N GLY A 434 -21.96 -0.23 -20.94
CA GLY A 434 -22.15 -1.42 -20.10
C GLY A 434 -21.26 -2.60 -20.49
N SER A 435 -21.03 -2.82 -21.78
CA SER A 435 -20.27 -4.01 -22.25
C SER A 435 -18.83 -3.95 -21.74
N TRP A 436 -18.32 -2.76 -21.47
CA TRP A 436 -16.92 -2.59 -21.02
C TRP A 436 -16.73 -3.25 -19.65
N PHE A 437 -17.83 -3.51 -18.94
CA PHE A 437 -17.79 -4.04 -17.55
C PHE A 437 -18.05 -5.54 -17.55
N LYS A 438 -18.34 -6.14 -18.70
CA LYS A 438 -18.69 -7.59 -18.77
C LYS A 438 -17.50 -8.46 -18.34
N ALA A 439 -17.71 -9.38 -17.43
CA ALA A 439 -16.69 -10.32 -16.92
C ALA A 439 -16.71 -11.56 -17.81
N GLU A 440 -15.55 -12.10 -18.12
CA GLU A 440 -15.45 -13.39 -18.86
C GLU A 440 -14.45 -14.27 -18.11
N GLY A 441 -14.75 -15.56 -18.02
CA GLY A 441 -13.76 -16.53 -17.59
C GLY A 441 -14.37 -17.91 -17.59
N GLN A 442 -13.49 -18.90 -17.57
CA GLN A 442 -13.86 -20.32 -17.48
C GLN A 442 -13.07 -20.94 -16.36
N SER A 443 -13.71 -21.84 -15.59
CA SER A 443 -13.02 -22.73 -14.63
C SER A 443 -12.05 -23.65 -15.37
N SER A 444 -11.16 -24.29 -14.61
CA SER A 444 -10.18 -25.31 -15.07
C SER A 444 -10.51 -26.66 -14.44
N PRO A 445 -11.15 -27.64 -15.13
CA PRO A 445 -11.63 -27.47 -16.49
C PRO A 445 -12.92 -26.65 -16.57
N PRO A 446 -13.34 -26.22 -17.78
CA PRO A 446 -14.56 -25.43 -17.95
C PRO A 446 -15.84 -26.17 -17.52
N GLN A 447 -16.85 -25.44 -17.04
CA GLN A 447 -18.21 -25.97 -16.78
C GLN A 447 -18.80 -26.43 -18.13
N LYS A 448 -19.60 -27.50 -18.15
CA LYS A 448 -20.34 -27.98 -19.34
C LYS A 448 -21.31 -26.87 -19.81
N ASN A 449 -21.30 -26.53 -21.10
CA ASN A 449 -22.04 -25.37 -21.65
C ASN A 449 -23.35 -25.84 -22.27
N LYS A 457 -29.47 -12.11 -26.65
CA LYS A 457 -29.59 -10.94 -25.74
C LYS A 457 -29.67 -9.67 -26.60
N THR A 458 -30.74 -8.88 -26.46
CA THR A 458 -30.98 -7.69 -27.30
C THR A 458 -30.79 -6.40 -26.51
N HIS A 459 -30.70 -6.45 -25.17
CA HIS A 459 -30.61 -5.22 -24.34
C HIS A 459 -29.15 -4.84 -24.08
N ILE A 460 -28.90 -3.54 -24.04
CA ILE A 460 -27.59 -2.94 -23.71
C ILE A 460 -27.85 -1.93 -22.60
N PHE A 461 -26.81 -1.39 -21.99
CA PHE A 461 -26.97 -0.32 -20.98
C PHE A 461 -25.72 0.56 -20.96
N PHE A 462 -25.91 1.73 -20.38
CA PHE A 462 -24.89 2.73 -20.08
C PHE A 462 -24.90 3.02 -18.58
N ARG A 463 -23.72 3.25 -18.02
CA ARG A 463 -23.49 3.66 -16.62
C ARG A 463 -23.21 5.16 -16.61
N GLY A 464 -23.93 5.89 -15.76
CA GLY A 464 -23.66 7.28 -15.43
C GLY A 464 -23.44 7.40 -13.95
N THR A 465 -22.85 8.50 -13.51
CA THR A 465 -22.74 8.87 -12.08
C THR A 465 -23.45 10.21 -11.90
N TYR A 466 -24.19 10.33 -10.81
CA TYR A 466 -24.82 11.59 -10.39
C TYR A 466 -23.99 12.23 -9.27
N ALA A 467 -22.80 11.71 -8.97
CA ALA A 467 -21.95 12.18 -7.84
C ALA A 467 -20.81 13.11 -8.30
N ALA A 468 -20.49 13.16 -9.60
CA ALA A 468 -19.25 13.77 -10.15
C ALA A 468 -19.42 15.27 -10.48
N VAL A 469 -20.64 15.76 -10.82
CA VAL A 469 -20.84 17.11 -11.45
C VAL A 469 -21.96 17.84 -10.74
N PRO A 470 -22.00 19.20 -10.78
CA PRO A 470 -23.12 19.96 -10.23
C PRO A 470 -24.43 19.47 -10.85
N LEU A 471 -25.54 19.56 -10.11
CA LEU A 471 -26.83 18.93 -10.49
C LEU A 471 -27.43 19.62 -11.72
N ASP A 472 -27.15 20.91 -11.92
CA ASP A 472 -27.62 21.66 -13.10
C ASP A 472 -26.99 21.04 -14.36
N GLN A 473 -25.71 20.70 -14.32
CA GLN A 473 -24.95 20.13 -15.46
C GLN A 473 -25.39 18.69 -15.70
N LEU A 474 -25.81 18.00 -14.65
CA LEU A 474 -26.28 16.60 -14.72
C LEU A 474 -27.55 16.56 -15.58
N VAL A 475 -28.49 17.48 -15.33
CA VAL A 475 -29.75 17.62 -16.11
C VAL A 475 -29.39 18.02 -17.55
N VAL A 476 -28.41 18.93 -17.76
CA VAL A 476 -27.95 19.33 -19.13
C VAL A 476 -27.48 18.06 -19.85
N GLY A 477 -26.62 17.26 -19.19
CA GLY A 477 -26.03 16.01 -19.73
C GLY A 477 -27.09 14.97 -20.08
N LEU A 478 -28.04 14.70 -19.19
CA LEU A 478 -29.08 13.67 -19.43
C LEU A 478 -30.08 14.14 -20.50
N GLU A 479 -30.34 15.44 -20.66
CA GLU A 479 -31.17 15.93 -21.80
C GLU A 479 -30.44 15.68 -23.12
N LYS A 480 -29.12 15.92 -23.14
CA LYS A 480 -28.24 15.59 -24.30
C LYS A 480 -28.32 14.09 -24.61
N PHE A 481 -28.32 13.23 -23.59
CA PHE A 481 -28.34 11.77 -23.79
C PHE A 481 -29.69 11.33 -24.39
N GLY A 482 -30.79 11.92 -23.93
CA GLY A 482 -32.13 11.75 -24.51
C GLY A 482 -32.12 12.07 -25.99
N LYS A 483 -31.52 13.21 -26.37
CA LYS A 483 -31.38 13.65 -27.79
C LYS A 483 -30.64 12.58 -28.59
N ALA A 484 -29.54 12.08 -28.02
CA ALA A 484 -28.66 11.06 -28.63
C ALA A 484 -29.49 9.79 -28.86
N VAL A 485 -30.24 9.31 -27.86
CA VAL A 485 -31.08 8.09 -27.99
C VAL A 485 -32.18 8.37 -29.04
N ARG A 486 -32.83 9.52 -28.99
CA ARG A 486 -33.91 9.87 -29.97
C ARG A 486 -33.33 9.88 -31.40
N ALA A 487 -32.10 10.38 -31.61
CA ALA A 487 -31.50 10.49 -32.96
C ALA A 487 -31.24 9.08 -33.48
N GLU A 488 -30.55 8.25 -32.71
CA GLU A 488 -30.16 6.89 -33.16
C GLU A 488 -31.38 6.02 -33.41
N PHE A 489 -32.41 6.11 -32.57
CA PHE A 489 -33.55 5.18 -32.66
C PHE A 489 -34.61 5.72 -33.62
N GLY A 490 -34.39 6.91 -34.18
CA GLY A 490 -35.33 7.60 -35.09
C GLY A 490 -36.68 7.94 -34.45
N LEU A 491 -36.74 8.53 -33.25
CA LEU A 491 -38.03 8.73 -32.49
C LEU A 491 -38.46 10.21 -32.45
N LYS B 6 21.90 12.48 -23.69
CA LYS B 6 22.48 11.19 -23.21
C LYS B 6 21.95 10.06 -24.09
N PRO B 7 22.61 8.88 -24.14
CA PRO B 7 22.11 7.72 -24.86
C PRO B 7 20.81 7.19 -24.27
N GLN B 8 20.05 6.45 -25.06
CA GLN B 8 18.87 5.66 -24.63
C GLN B 8 19.38 4.44 -23.85
N ALA B 9 18.58 3.99 -22.88
CA ALA B 9 18.82 2.73 -22.14
C ALA B 9 18.60 1.56 -23.11
N LYS B 10 19.13 0.39 -22.81
CA LYS B 10 18.82 -0.81 -23.60
C LYS B 10 17.34 -1.12 -23.38
N ASP B 11 16.75 -1.74 -24.40
CA ASP B 11 15.43 -2.39 -24.35
C ASP B 11 15.57 -3.61 -23.46
N LEU B 12 14.94 -3.62 -22.27
CA LEU B 12 15.04 -4.74 -21.29
C LEU B 12 13.65 -5.32 -21.02
N THR B 13 12.70 -5.07 -21.93
CA THR B 13 11.32 -5.61 -21.80
C THR B 13 11.36 -7.15 -21.80
N HIS B 14 12.41 -7.78 -22.35
CA HIS B 14 12.56 -9.27 -22.32
C HIS B 14 12.77 -9.77 -20.88
N LEU B 15 13.10 -8.89 -19.95
CA LEU B 15 13.37 -9.25 -18.55
C LEU B 15 12.09 -9.07 -17.72
N LEU B 16 11.04 -8.47 -18.27
CA LEU B 16 9.72 -8.43 -17.59
C LEU B 16 9.14 -9.84 -17.51
N SER B 17 8.39 -10.15 -16.47
CA SER B 17 7.65 -11.43 -16.38
C SER B 17 6.54 -11.42 -17.45
N ASN B 18 6.14 -12.61 -17.90
CA ASN B 18 4.98 -12.77 -18.82
C ASN B 18 3.74 -12.09 -18.19
N GLU B 19 3.56 -12.22 -16.87
CA GLU B 19 2.37 -11.71 -16.14
C GLU B 19 2.41 -10.18 -16.17
N SER B 20 3.56 -9.57 -15.88
CA SER B 20 3.72 -8.10 -15.95
C SER B 20 3.32 -7.59 -17.35
N LYS B 21 3.85 -8.22 -18.39
CA LYS B 21 3.64 -7.79 -19.80
C LYS B 21 2.15 -7.87 -20.18
N ALA B 22 1.43 -8.85 -19.65
CA ALA B 22 -0.01 -9.10 -19.96
C ALA B 22 -0.90 -8.03 -19.33
N ARG B 23 -0.40 -7.27 -18.35
CA ARG B 23 -1.24 -6.31 -17.57
C ARG B 23 -1.78 -5.22 -18.52
N GLN B 24 -3.02 -4.79 -18.30
CA GLN B 24 -3.73 -3.83 -19.17
C GLN B 24 -4.15 -2.63 -18.34
N THR B 25 -4.32 -1.50 -19.02
CA THR B 25 -4.92 -0.27 -18.45
C THR B 25 -6.43 -0.51 -18.42
N SER B 26 -7.16 0.15 -17.53
CA SER B 26 -8.64 -0.01 -17.44
C SER B 26 -9.26 0.46 -18.76
N PRO B 27 -10.31 -0.23 -19.28
CA PRO B 27 -11.01 0.24 -20.50
C PRO B 27 -11.68 1.64 -20.39
N LEU B 28 -11.69 2.26 -19.21
CA LEU B 28 -12.24 3.62 -18.96
C LEU B 28 -11.17 4.69 -19.14
N LYS B 29 -9.92 4.29 -19.38
CA LYS B 29 -8.81 5.20 -19.78
C LYS B 29 -9.19 5.92 -21.08
N GLY B 30 -9.72 5.18 -22.05
CA GLY B 30 -10.19 5.72 -23.35
C GLY B 30 -11.57 6.37 -23.28
N ILE B 31 -11.87 7.08 -22.18
CA ILE B 31 -12.85 8.21 -22.14
C ILE B 31 -12.26 9.33 -21.30
N PHE B 32 -11.03 9.17 -20.79
CA PHE B 32 -10.38 10.19 -19.93
C PHE B 32 -10.19 11.47 -20.74
N LYS B 33 -9.86 11.36 -22.03
CA LYS B 33 -9.66 12.56 -22.89
C LYS B 33 -10.85 13.50 -22.72
N TYR B 34 -12.08 12.97 -22.77
CA TYR B 34 -13.34 13.75 -22.73
C TYR B 34 -13.57 14.34 -21.33
N TYR B 35 -12.71 14.05 -20.34
CA TYR B 35 -12.85 14.56 -18.96
C TYR B 35 -12.41 16.03 -18.92
N LYS B 36 -13.07 16.85 -18.10
CA LYS B 36 -12.78 18.31 -17.93
C LYS B 36 -12.39 18.89 -19.30
N GLN B 37 -13.28 18.77 -20.30
CA GLN B 37 -13.14 19.41 -21.63
C GLN B 37 -14.49 20.00 -22.00
N PRO B 38 -14.62 21.35 -22.10
CA PRO B 38 -15.94 21.98 -22.25
C PRO B 38 -16.66 21.56 -23.54
N GLY B 39 -17.98 21.63 -23.49
CA GLY B 39 -18.90 21.03 -24.48
C GLY B 39 -19.46 19.72 -23.96
N ILE B 40 -18.66 18.96 -23.18
CA ILE B 40 -18.99 17.57 -22.75
C ILE B 40 -19.43 17.60 -21.29
N THR B 41 -20.64 17.12 -21.01
CA THR B 41 -21.02 16.70 -19.65
C THR B 41 -20.54 15.27 -19.49
N PHE B 42 -19.48 15.09 -18.71
CA PHE B 42 -18.76 13.82 -18.46
C PHE B 42 -19.43 13.08 -17.31
N LEU B 43 -20.25 12.07 -17.59
CA LEU B 43 -20.95 11.26 -16.56
C LEU B 43 -20.38 9.83 -16.52
N GLY B 44 -19.22 9.60 -17.12
CA GLY B 44 -18.72 8.24 -17.38
C GLY B 44 -17.75 7.76 -16.32
N GLY B 45 -17.45 8.60 -15.32
CA GLY B 45 -16.42 8.33 -14.29
C GLY B 45 -17.01 7.82 -12.98
N GLY B 46 -16.15 7.74 -11.95
CA GLY B 46 -16.47 7.24 -10.59
C GLY B 46 -15.97 8.15 -9.47
N LEU B 47 -15.56 9.39 -9.77
CA LEU B 47 -14.89 10.29 -8.78
C LEU B 47 -15.90 10.85 -7.78
N PRO B 48 -15.66 10.74 -6.45
CA PRO B 48 -16.52 11.40 -5.47
C PRO B 48 -16.22 12.90 -5.52
N LEU B 49 -17.15 13.69 -4.98
CA LEU B 49 -17.13 15.17 -5.00
C LEU B 49 -16.24 15.67 -3.85
N SER B 50 -15.15 16.35 -4.19
CA SER B 50 -14.20 16.96 -3.23
C SER B 50 -14.93 17.93 -2.28
N ASP B 51 -16.09 18.49 -2.66
CA ASP B 51 -16.87 19.42 -1.80
C ASP B 51 -17.10 18.81 -0.42
N TYR B 52 -17.18 17.47 -0.33
CA TYR B 52 -17.53 16.80 0.95
C TYR B 52 -16.27 16.45 1.74
N PHE B 53 -15.06 16.45 1.17
CA PHE B 53 -13.81 16.10 1.90
C PHE B 53 -13.77 16.92 3.19
N PRO B 54 -13.88 16.30 4.37
CA PRO B 54 -14.01 17.03 5.63
C PRO B 54 -12.68 17.56 6.17
N PHE B 55 -11.78 18.00 5.30
CA PHE B 55 -10.45 18.60 5.64
C PHE B 55 -10.26 19.91 4.91
N GLU B 56 -10.36 21.03 5.64
CA GLU B 56 -10.29 22.42 5.08
C GLU B 56 -8.82 22.82 4.96
N LYS B 57 -8.03 22.40 5.94
CA LYS B 57 -6.56 22.46 5.86
C LYS B 57 -5.93 21.45 6.82
N VAL B 58 -4.69 21.11 6.53
CA VAL B 58 -3.78 20.37 7.43
C VAL B 58 -2.52 21.23 7.60
N THR B 59 -1.95 21.22 8.81
CA THR B 59 -0.71 21.97 9.12
C THR B 59 0.25 21.01 9.79
N ALA B 60 1.54 21.26 9.67
CA ALA B 60 2.56 20.63 10.53
C ALA B 60 3.53 21.71 11.05
N ASP B 61 4.08 21.46 12.23
CA ASP B 61 5.25 22.20 12.75
C ASP B 61 6.49 21.37 12.50
N ILE B 62 7.45 21.96 11.79
CA ILE B 62 8.72 21.30 11.36
C ILE B 62 9.92 22.14 11.77
N PRO B 63 11.13 21.54 11.91
CA PRO B 63 12.35 22.29 12.18
C PRO B 63 12.82 23.13 10.97
N THR B 64 13.80 24.02 11.21
CA THR B 64 14.17 25.09 10.24
C THR B 64 15.61 24.87 9.81
N PRO B 65 15.92 24.85 8.50
CA PRO B 65 17.30 24.80 8.04
C PRO B 65 18.05 25.97 8.66
N SER B 66 19.35 25.82 8.94
CA SER B 66 20.17 24.69 8.52
C SER B 66 20.32 23.67 9.66
N PHE B 67 19.41 23.67 10.62
CA PHE B 67 19.35 22.70 11.76
C PHE B 67 20.62 22.82 12.63
N SER B 68 21.10 24.04 12.86
CA SER B 68 22.39 24.34 13.55
C SER B 68 22.43 23.69 14.95
N GLY B 69 21.31 23.63 15.67
CA GLY B 69 21.22 22.97 17.00
C GLY B 69 21.20 21.45 16.91
N GLY B 70 21.40 20.86 15.72
CA GLY B 70 21.31 19.41 15.47
C GLY B 70 19.89 19.03 15.06
N ILE B 71 19.73 18.03 14.19
CA ILE B 71 18.41 17.65 13.60
C ILE B 71 17.47 17.15 14.72
N GLY B 72 18.02 16.73 15.86
CA GLY B 72 17.25 16.29 17.03
C GLY B 72 16.85 17.44 17.97
N ALA B 73 17.19 18.69 17.67
CA ALA B 73 16.86 19.85 18.53
C ALA B 73 15.36 19.97 18.70
N PRO B 74 14.86 20.39 19.89
CA PRO B 74 13.43 20.64 20.05
C PRO B 74 12.92 21.51 18.91
N ILE B 75 11.73 21.19 18.40
CA ILE B 75 11.06 21.95 17.33
C ILE B 75 10.22 23.01 18.01
N GLU B 76 10.83 24.18 18.25
CA GLU B 76 10.27 25.30 19.04
C GLU B 76 11.06 26.57 18.70
N GLY B 77 10.48 27.73 19.01
CA GLY B 77 11.08 29.04 18.74
C GLY B 77 11.48 29.18 17.28
N GLU B 78 12.72 29.59 17.04
CA GLU B 78 13.29 29.83 15.69
C GLU B 78 13.47 28.51 14.92
N ASN B 79 13.44 27.37 15.60
CA ASN B 79 13.57 26.01 14.99
C ASN B 79 12.16 25.41 14.82
N LYS B 80 11.16 26.25 14.56
CA LYS B 80 9.78 25.81 14.29
C LYS B 80 9.18 26.66 13.18
N THR B 81 8.85 26.06 12.03
CA THR B 81 7.99 26.73 11.02
C THR B 81 6.72 25.88 10.83
N THR B 82 5.61 26.54 10.59
CA THR B 82 4.27 25.95 10.44
C THR B 82 3.98 25.90 8.95
N ILE B 83 3.92 24.71 8.38
CA ILE B 83 3.52 24.52 6.95
C ILE B 83 2.01 24.24 6.94
N GLU B 84 1.35 24.69 5.89
CA GLU B 84 -0.11 24.68 5.76
C GLU B 84 -0.45 24.16 4.37
N VAL B 85 -1.30 23.15 4.30
CA VAL B 85 -1.95 22.77 3.02
C VAL B 85 -3.46 22.91 3.17
N PHE B 86 -3.99 24.00 2.59
CA PHE B 86 -5.43 24.29 2.48
C PHE B 86 -6.04 23.40 1.40
N LYS B 87 -7.37 23.31 1.41
CA LYS B 87 -8.19 22.54 0.45
C LYS B 87 -8.09 23.17 -0.95
N LYS B 88 -8.11 24.50 -1.03
CA LYS B 88 -8.19 25.23 -2.31
C LYS B 88 -6.80 25.80 -2.61
N ALA B 89 -6.33 25.59 -3.84
CA ALA B 89 -5.08 26.14 -4.41
C ALA B 89 -4.94 27.63 -4.05
N ALA B 90 -6.01 28.42 -4.19
CA ALA B 90 -5.99 29.89 -4.00
C ALA B 90 -5.49 30.22 -2.58
N ASP B 91 -5.74 29.36 -1.59
CA ASP B 91 -5.42 29.67 -0.17
C ASP B 91 -3.98 29.26 0.16
N ASN B 92 -3.23 28.69 -0.79
CA ASN B 92 -1.87 28.12 -0.55
C ASN B 92 -0.77 29.06 -1.05
N VAL B 93 0.39 29.03 -0.37
CA VAL B 93 1.69 29.48 -0.95
C VAL B 93 1.93 28.64 -2.20
N PRO B 94 2.87 29.02 -3.10
CA PRO B 94 3.07 28.30 -4.36
C PRO B 94 3.56 26.86 -4.19
N ASP B 95 3.28 26.03 -5.20
CA ASP B 95 3.89 24.68 -5.43
C ASP B 95 3.37 23.63 -4.43
N GLN B 96 2.21 23.88 -3.79
CA GLN B 96 1.53 22.94 -2.85
C GLN B 96 0.53 22.03 -3.59
N ILE B 97 0.15 20.91 -2.97
CA ILE B 97 -0.85 19.98 -3.55
C ILE B 97 -2.10 20.12 -2.66
N GLU B 98 -2.95 21.07 -3.06
CA GLU B 98 -4.14 21.48 -2.27
C GLU B 98 -5.00 20.22 -2.04
N LEU B 99 -5.60 20.11 -0.86
CA LEU B 99 -6.23 18.84 -0.42
C LEU B 99 -7.35 18.41 -1.39
N ALA B 100 -8.01 19.35 -2.09
CA ALA B 100 -9.12 19.04 -3.03
C ALA B 100 -8.57 18.13 -4.14
N ARG B 101 -7.27 18.27 -4.45
CA ARG B 101 -6.55 17.41 -5.45
C ARG B 101 -5.72 16.32 -4.75
N SER B 102 -4.97 16.64 -3.68
CA SER B 102 -4.10 15.62 -3.04
C SER B 102 -4.94 14.54 -2.31
N LEU B 103 -6.20 14.81 -1.93
CA LEU B 103 -7.10 13.83 -1.28
C LEU B 103 -8.08 13.21 -2.30
N GLN B 104 -7.96 13.58 -3.59
CA GLN B 104 -8.75 13.04 -4.73
C GLN B 104 -7.94 11.91 -5.38
N TYR B 105 -8.60 10.89 -5.94
CA TYR B 105 -7.96 9.91 -6.88
C TYR B 105 -7.19 10.74 -7.91
N GLY B 106 -6.09 10.16 -8.43
CA GLY B 106 -5.18 10.85 -9.35
C GLY B 106 -4.16 9.90 -9.96
N SER B 107 -3.22 10.42 -10.72
CA SER B 107 -2.21 9.63 -11.48
C SER B 107 -1.45 8.74 -10.49
N THR B 108 -1.46 7.43 -10.72
CA THR B 108 -0.72 6.40 -9.95
C THR B 108 0.81 6.64 -10.03
N PHE B 109 1.30 7.41 -11.02
CA PHE B 109 2.74 7.79 -11.16
C PHE B 109 3.20 8.60 -9.94
N GLY B 110 2.31 9.47 -9.42
CA GLY B 110 2.57 10.43 -8.33
C GLY B 110 2.01 11.82 -8.60
N LEU B 111 1.91 12.63 -7.55
CA LEU B 111 1.44 14.04 -7.67
C LEU B 111 2.57 14.88 -8.25
N PRO B 112 2.30 15.78 -9.22
CA PRO B 112 3.35 16.40 -10.04
C PRO B 112 4.40 17.21 -9.26
N GLU B 113 3.96 17.96 -8.25
CA GLU B 113 4.87 18.79 -7.40
C GLU B 113 5.83 17.87 -6.63
N PHE B 114 5.33 16.77 -6.05
CA PHE B 114 6.19 15.82 -5.29
C PHE B 114 7.21 15.18 -6.25
N LEU B 115 6.75 14.60 -7.36
CA LEU B 115 7.60 13.94 -8.36
C LEU B 115 8.67 14.94 -8.84
N GLN B 116 8.30 16.18 -9.17
CA GLN B 116 9.29 17.17 -9.67
C GLN B 116 10.42 17.29 -8.64
N PHE B 117 10.08 17.43 -7.37
CA PHE B 117 11.12 17.65 -6.33
C PHE B 117 12.02 16.43 -6.24
N ILE B 118 11.41 15.24 -6.20
CA ILE B 118 12.12 13.94 -6.02
C ILE B 118 13.00 13.67 -7.25
N LYS B 119 12.53 13.99 -8.46
CA LYS B 119 13.32 13.85 -9.71
C LYS B 119 14.56 14.75 -9.64
N GLU B 120 14.43 15.99 -9.17
CA GLU B 120 15.57 16.94 -9.08
C GLU B 120 16.60 16.40 -8.09
N HIS B 121 16.11 16.01 -6.90
CA HIS B 121 16.95 15.37 -5.85
C HIS B 121 17.74 14.21 -6.49
N THR B 122 17.04 13.32 -7.19
CA THR B 122 17.64 12.11 -7.77
C THR B 122 18.75 12.51 -8.74
N ASP B 123 18.47 13.42 -9.66
CA ASP B 123 19.45 13.78 -10.71
C ASP B 123 20.63 14.56 -10.10
N MET B 124 20.40 15.42 -9.12
CA MET B 124 21.44 16.20 -8.39
C MET B 124 22.45 15.25 -7.74
N VAL B 125 21.98 14.14 -7.15
CA VAL B 125 22.83 13.19 -6.39
C VAL B 125 23.43 12.17 -7.36
N HIS B 126 22.62 11.61 -8.25
CA HIS B 126 22.93 10.34 -8.96
C HIS B 126 23.30 10.55 -10.42
N LYS B 127 22.97 11.71 -11.02
CA LYS B 127 23.38 12.03 -12.43
C LYS B 127 23.05 10.83 -13.33
N VAL B 128 21.78 10.44 -13.42
CA VAL B 128 21.40 9.20 -14.14
C VAL B 128 21.92 9.32 -15.58
N PRO B 129 22.77 8.38 -16.02
CA PRO B 129 23.54 8.58 -17.26
C PRO B 129 22.90 8.06 -18.56
N TYR B 130 21.60 7.82 -18.55
CA TYR B 130 20.83 7.57 -19.79
C TYR B 130 19.68 8.57 -19.80
N GLU B 131 19.05 8.76 -20.96
CA GLU B 131 18.08 9.85 -21.23
C GLU B 131 16.72 9.48 -20.64
N ASN B 132 16.22 8.29 -20.95
CA ASN B 132 14.80 7.87 -20.73
C ASN B 132 14.65 7.17 -19.37
N TRP B 133 15.01 7.86 -18.29
CA TRP B 133 14.80 7.41 -16.90
C TRP B 133 13.60 8.15 -16.33
N ASP B 134 13.05 7.65 -15.24
CA ASP B 134 11.86 8.24 -14.62
C ASP B 134 11.86 7.88 -13.14
N VAL B 135 10.96 8.52 -12.41
CA VAL B 135 10.68 8.22 -11.00
C VAL B 135 9.17 8.03 -10.90
N ILE B 136 8.75 7.02 -10.16
CA ILE B 136 7.33 6.85 -9.73
C ILE B 136 7.31 6.74 -8.21
N VAL B 137 6.17 7.03 -7.62
CA VAL B 137 5.97 6.93 -6.15
C VAL B 137 5.75 5.47 -5.76
N SER B 138 6.10 5.20 -4.52
CA SER B 138 5.82 3.96 -3.80
C SER B 138 5.28 4.38 -2.44
N VAL B 139 4.78 3.40 -1.70
CA VAL B 139 4.39 3.60 -0.28
C VAL B 139 5.49 3.01 0.60
N GLY B 140 6.73 2.92 0.11
CA GLY B 140 7.89 2.44 0.90
C GLY B 140 8.60 1.32 0.19
N ASN B 141 9.80 0.97 0.65
CA ASN B 141 10.65 -0.02 -0.02
C ASN B 141 10.05 -1.43 0.15
N THR B 142 9.31 -1.68 1.22
CA THR B 142 8.59 -2.96 1.43
C THR B 142 7.67 -3.23 0.22
N GLU B 143 6.74 -2.30 -0.08
CA GLU B 143 5.80 -2.44 -1.21
C GLU B 143 6.58 -2.42 -2.53
N ALA B 144 7.52 -1.49 -2.71
CA ALA B 144 8.37 -1.41 -3.92
C ALA B 144 9.01 -2.79 -4.21
N TRP B 145 9.47 -3.49 -3.16
CA TRP B 145 10.13 -4.81 -3.27
C TRP B 145 9.12 -5.86 -3.73
N ASP B 146 7.95 -5.92 -3.11
CA ASP B 146 6.87 -6.85 -3.49
C ASP B 146 6.54 -6.62 -4.96
N SER B 147 6.34 -5.37 -5.37
CA SER B 147 6.03 -4.98 -6.77
C SER B 147 7.16 -5.34 -7.72
N THR B 148 8.42 -5.24 -7.29
CA THR B 148 9.60 -5.58 -8.13
C THR B 148 9.53 -7.09 -8.45
N LEU B 149 9.31 -7.92 -7.45
CA LEU B 149 9.16 -9.39 -7.65
C LEU B 149 8.00 -9.62 -8.62
N ARG B 150 6.88 -8.91 -8.46
CA ARG B 150 5.67 -9.16 -9.31
C ARG B 150 5.90 -8.68 -10.75
N THR B 151 6.86 -7.79 -10.99
CA THR B 151 7.11 -7.18 -12.32
C THR B 151 8.14 -8.00 -13.10
N PHE B 152 9.19 -8.54 -12.45
CA PHE B 152 10.35 -9.21 -13.12
C PHE B 152 10.40 -10.72 -12.87
N CYS B 153 9.53 -11.29 -12.02
CA CYS B 153 9.61 -12.71 -11.64
C CYS B 153 8.27 -13.43 -11.81
N SER B 154 8.33 -14.64 -12.35
CA SER B 154 7.24 -15.65 -12.36
C SER B 154 7.62 -16.71 -11.33
N LYS B 155 6.65 -17.47 -10.83
CA LYS B 155 6.92 -18.61 -9.94
C LYS B 155 7.97 -19.55 -10.59
N GLY B 156 8.95 -20.02 -9.81
CA GLY B 156 10.06 -20.91 -10.25
C GLY B 156 11.26 -20.15 -10.80
N ASP B 157 11.12 -18.84 -11.05
CA ASP B 157 12.27 -17.99 -11.43
C ASP B 157 13.25 -17.88 -10.27
N THR B 158 14.47 -17.48 -10.60
CA THR B 158 15.59 -17.30 -9.65
C THR B 158 16.00 -15.82 -9.57
N ILE B 159 16.20 -15.32 -8.36
CA ILE B 159 16.94 -14.07 -8.12
C ILE B 159 18.21 -14.36 -7.32
N LEU B 160 19.21 -13.51 -7.49
CA LEU B 160 20.42 -13.53 -6.64
C LEU B 160 20.20 -12.59 -5.47
N VAL B 161 20.53 -13.06 -4.25
CA VAL B 161 20.49 -12.21 -3.03
C VAL B 161 21.81 -12.31 -2.28
N GLU B 162 22.04 -11.34 -1.40
CA GLU B 162 23.20 -11.37 -0.47
C GLU B 162 23.00 -12.59 0.44
N GLU B 163 24.07 -13.37 0.70
CA GLU B 163 23.91 -14.65 1.43
C GLU B 163 23.34 -14.36 2.83
N TYR B 164 23.57 -13.17 3.38
CA TYR B 164 22.86 -12.65 4.59
C TYR B 164 22.08 -11.41 4.16
N THR B 165 20.78 -11.40 4.37
CA THR B 165 19.95 -10.25 3.91
C THR B 165 18.70 -10.06 4.79
N PHE B 166 17.86 -9.10 4.40
CA PHE B 166 16.63 -8.70 5.10
C PHE B 166 15.61 -9.84 5.02
N SER B 167 15.21 -10.39 6.15
CA SER B 167 14.30 -11.57 6.22
C SER B 167 12.98 -11.28 5.52
N SER B 168 12.47 -10.06 5.67
CA SER B 168 11.21 -9.63 5.04
C SER B 168 11.30 -9.73 3.50
N ALA B 169 12.45 -9.36 2.92
CA ALA B 169 12.71 -9.43 1.47
C ALA B 169 12.63 -10.90 1.03
N LEU B 170 13.21 -11.82 1.82
CA LEU B 170 13.18 -13.28 1.50
C LEU B 170 11.75 -13.80 1.59
N GLU B 171 11.04 -13.46 2.65
CA GLU B 171 9.64 -13.88 2.90
C GLU B 171 8.76 -13.45 1.71
N SER B 172 8.93 -12.24 1.19
CA SER B 172 8.17 -11.74 0.00
CA SER B 172 8.16 -11.75 0.01
C SER B 172 8.47 -12.66 -1.19
N ALA B 173 9.76 -12.93 -1.43
CA ALA B 173 10.21 -13.81 -2.52
C ALA B 173 9.63 -15.21 -2.33
N ASN B 174 9.65 -15.76 -1.11
CA ASN B 174 9.13 -17.13 -0.85
C ASN B 174 7.63 -17.19 -1.15
N GLY B 175 6.89 -16.13 -0.85
CA GLY B 175 5.42 -16.12 -1.06
C GLY B 175 5.04 -16.09 -2.53
N GLN B 176 5.94 -15.60 -3.37
CA GLN B 176 5.73 -15.58 -4.83
C GLN B 176 6.43 -16.79 -5.46
N GLY B 177 6.97 -17.69 -4.64
CA GLY B 177 7.63 -18.92 -5.16
C GLY B 177 8.85 -18.59 -5.99
N VAL B 178 9.60 -17.56 -5.60
CA VAL B 178 10.78 -17.11 -6.37
C VAL B 178 12.02 -17.56 -5.61
N ASN B 179 12.88 -18.32 -6.27
CA ASN B 179 14.11 -18.89 -5.68
C ASN B 179 15.09 -17.73 -5.37
N THR B 180 15.63 -17.75 -4.15
CA THR B 180 16.63 -16.77 -3.64
C THR B 180 17.97 -17.47 -3.51
N VAL B 181 18.77 -17.44 -4.58
CA VAL B 181 20.11 -18.10 -4.60
C VAL B 181 21.10 -17.13 -3.94
N PRO B 182 21.80 -17.55 -2.86
CA PRO B 182 22.70 -16.66 -2.13
C PRO B 182 24.06 -16.39 -2.81
N VAL B 183 24.48 -15.14 -2.73
CA VAL B 183 25.77 -14.66 -3.28
C VAL B 183 26.72 -14.47 -2.11
N THR B 184 27.90 -15.11 -2.17
CA THR B 184 28.87 -15.15 -1.05
C THR B 184 29.38 -13.72 -0.76
N MET B 185 29.50 -13.38 0.52
CA MET B 185 29.96 -12.06 1.03
C MET B 185 31.26 -12.26 1.83
N ASP B 186 32.09 -11.23 1.96
CA ASP B 186 33.06 -11.15 3.07
C ASP B 186 32.53 -10.03 3.97
N GLU B 187 33.35 -9.47 4.84
CA GLU B 187 32.90 -8.40 5.77
C GLU B 187 32.66 -7.09 4.98
N PHE B 188 33.05 -7.01 3.70
CA PHE B 188 32.86 -5.80 2.85
C PHE B 188 31.70 -6.01 1.86
N GLY B 189 30.93 -7.10 2.00
CA GLY B 189 29.76 -7.39 1.15
C GLY B 189 30.06 -8.44 0.11
N ILE B 190 29.24 -8.49 -0.93
CA ILE B 190 29.35 -9.36 -2.14
C ILE B 190 30.79 -9.37 -2.63
N ILE B 191 31.31 -10.57 -2.89
CA ILE B 191 32.64 -10.82 -3.49
C ILE B 191 32.43 -10.96 -4.98
N PRO B 192 32.82 -9.94 -5.76
CA PRO B 192 32.57 -9.96 -7.21
C PRO B 192 33.14 -11.16 -7.96
N GLU B 193 34.38 -11.58 -7.65
CA GLU B 193 34.97 -12.81 -8.24
C GLU B 193 34.01 -14.00 -8.12
N LYS B 194 33.45 -14.25 -6.96
CA LYS B 194 32.57 -15.43 -6.75
C LYS B 194 31.24 -15.27 -7.52
N LEU B 195 30.73 -14.03 -7.65
CA LEU B 195 29.50 -13.79 -8.46
C LEU B 195 29.81 -14.05 -9.95
N GLU B 196 30.92 -13.50 -10.47
CA GLU B 196 31.37 -13.77 -11.87
C GLU B 196 31.46 -15.30 -12.10
N GLU B 197 32.13 -16.00 -11.18
CA GLU B 197 32.34 -17.48 -11.26
C GLU B 197 30.98 -18.16 -11.31
N LEU B 198 30.07 -17.81 -10.39
CA LEU B 198 28.69 -18.36 -10.30
C LEU B 198 27.98 -18.18 -11.65
N MET B 199 28.05 -16.99 -12.26
CA MET B 199 27.34 -16.70 -13.52
C MET B 199 28.05 -17.41 -14.70
N SER B 200 29.38 -17.53 -14.68
CA SER B 200 30.14 -18.18 -15.79
C SER B 200 29.70 -19.65 -15.91
N ARG B 201 29.31 -20.30 -14.81
CA ARG B 201 28.93 -21.75 -14.76
C ARG B 201 27.41 -21.95 -14.81
N TRP B 202 26.63 -20.89 -14.95
CA TRP B 202 25.18 -20.90 -14.63
C TRP B 202 24.43 -21.89 -15.52
N VAL B 203 23.73 -22.84 -14.91
CA VAL B 203 22.92 -23.83 -15.66
C VAL B 203 21.46 -23.35 -15.65
N GLY B 204 20.77 -23.53 -16.78
CA GLY B 204 19.33 -23.26 -16.94
C GLY B 204 19.07 -21.77 -17.08
N ASN B 205 17.81 -21.37 -16.94
CA ASN B 205 17.38 -19.96 -17.12
C ASN B 205 18.14 -19.06 -16.13
N LYS B 206 18.72 -17.99 -16.68
CA LYS B 206 19.48 -16.96 -15.94
C LYS B 206 18.62 -16.37 -14.82
N PRO B 207 19.25 -15.89 -13.74
CA PRO B 207 18.53 -15.20 -12.68
C PRO B 207 18.00 -13.90 -13.29
N LYS B 208 16.86 -13.42 -12.82
CA LYS B 208 16.22 -12.22 -13.43
C LYS B 208 16.97 -10.94 -12.96
N PHE B 209 17.48 -10.96 -11.73
CA PHE B 209 18.16 -9.79 -11.14
C PHE B 209 18.92 -10.18 -9.87
N LEU B 210 19.76 -9.25 -9.46
CA LEU B 210 20.48 -9.28 -8.17
C LEU B 210 19.83 -8.27 -7.23
N TYR B 211 19.45 -8.72 -6.04
CA TYR B 211 18.85 -7.87 -4.99
C TYR B 211 19.95 -7.50 -4.00
N THR B 212 20.24 -6.21 -3.85
CA THR B 212 21.33 -5.71 -2.99
C THR B 212 20.88 -4.52 -2.16
N ILE B 213 21.11 -4.62 -0.85
CA ILE B 213 21.06 -3.49 0.09
C ILE B 213 22.49 -2.99 0.19
N CYS B 214 22.96 -2.23 -0.80
CA CYS B 214 24.41 -2.09 -1.03
C CYS B 214 25.06 -1.06 -0.08
N THR B 215 24.29 -0.16 0.53
CA THR B 215 24.80 0.82 1.52
C THR B 215 24.19 0.50 2.89
N GLY B 216 25.02 0.29 3.91
CA GLY B 216 24.54 -0.08 5.26
C GLY B 216 23.70 -1.35 5.18
N GLN B 217 24.20 -2.32 4.42
CA GLN B 217 23.60 -3.68 4.19
C GLN B 217 23.03 -4.26 5.49
N ASN B 218 21.80 -4.74 5.41
CA ASN B 218 21.10 -5.40 6.54
C ASN B 218 21.24 -6.90 6.30
N PRO B 219 21.95 -7.66 7.15
CA PRO B 219 22.43 -7.21 8.47
C PRO B 219 23.92 -6.96 8.70
N THR B 220 24.74 -7.08 7.66
CA THR B 220 26.22 -7.13 7.83
C THR B 220 26.77 -5.75 8.23
N GLY B 221 26.04 -4.67 7.95
CA GLY B 221 26.54 -3.30 8.15
C GLY B 221 27.63 -2.97 7.16
N SER B 222 27.85 -3.80 6.14
CA SER B 222 28.82 -3.54 5.05
C SER B 222 28.25 -2.53 4.02
N SER B 223 29.13 -1.92 3.25
CA SER B 223 28.78 -1.09 2.07
C SER B 223 29.71 -1.46 0.93
N LEU B 224 29.15 -1.72 -0.25
CA LEU B 224 29.99 -2.07 -1.42
C LEU B 224 30.75 -0.82 -1.83
N SER B 225 32.07 -0.98 -1.95
CA SER B 225 32.98 0.08 -2.42
C SER B 225 32.58 0.46 -3.84
N ALA B 226 32.96 1.65 -4.29
CA ALA B 226 32.82 2.10 -5.69
C ALA B 226 33.38 1.00 -6.61
N GLU B 227 34.51 0.41 -6.22
CA GLU B 227 35.29 -0.54 -7.04
C GLU B 227 34.45 -1.82 -7.14
N ARG B 228 33.88 -2.33 -6.05
CA ARG B 228 33.01 -3.55 -6.16
C ARG B 228 31.74 -3.21 -6.93
N ARG B 229 31.19 -2.01 -6.78
CA ARG B 229 29.93 -1.65 -7.48
C ARG B 229 30.20 -1.71 -9.00
N LYS B 230 31.32 -1.14 -9.45
CA LYS B 230 31.74 -1.19 -10.87
C LYS B 230 31.82 -2.65 -11.33
N GLN B 231 32.48 -3.52 -10.57
CA GLN B 231 32.68 -4.92 -11.00
C GLN B 231 31.34 -5.63 -11.07
N ILE B 232 30.45 -5.39 -10.11
CA ILE B 232 29.13 -6.08 -10.06
C ILE B 232 28.28 -5.57 -11.23
N TYR B 233 28.36 -4.27 -11.51
CA TYR B 233 27.65 -3.67 -12.67
C TYR B 233 28.12 -4.38 -13.94
N ASP B 234 29.43 -4.55 -14.12
CA ASP B 234 29.97 -5.23 -15.34
C ASP B 234 29.41 -6.65 -15.46
N ILE B 235 29.26 -7.35 -14.34
CA ILE B 235 28.69 -8.73 -14.34
C ILE B 235 27.24 -8.66 -14.81
N ALA B 236 26.46 -7.70 -14.30
CA ALA B 236 25.02 -7.57 -14.63
C ALA B 236 24.89 -7.28 -16.13
N CYS B 237 25.80 -6.49 -16.69
CA CYS B 237 25.78 -6.18 -18.16
C CYS B 237 26.22 -7.43 -18.93
N LYS B 238 27.26 -8.13 -18.47
CA LYS B 238 27.79 -9.31 -19.21
C LYS B 238 26.74 -10.42 -19.27
N TYR B 239 26.02 -10.70 -18.19
CA TYR B 239 25.10 -11.86 -18.15
C TYR B 239 23.65 -11.41 -18.30
N ASP B 240 23.42 -10.11 -18.49
CA ASP B 240 22.10 -9.52 -18.81
C ASP B 240 21.09 -9.81 -17.70
N PHE B 241 21.28 -9.30 -16.50
CA PHE B 241 20.25 -9.32 -15.44
C PHE B 241 20.16 -7.91 -14.84
N LEU B 242 19.09 -7.61 -14.14
CA LEU B 242 18.92 -6.28 -13.52
C LEU B 242 19.63 -6.27 -12.17
N ILE B 243 19.89 -5.07 -11.66
CA ILE B 243 20.26 -4.86 -10.25
C ILE B 243 19.14 -4.06 -9.61
N ILE B 244 18.61 -4.61 -8.52
CA ILE B 244 17.64 -3.90 -7.65
C ILE B 244 18.45 -3.44 -6.45
N GLU B 245 18.70 -2.13 -6.32
CA GLU B 245 19.38 -1.53 -5.15
C GLU B 245 18.28 -1.00 -4.24
N ASP B 246 18.09 -1.72 -3.15
CA ASP B 246 17.11 -1.39 -2.09
C ASP B 246 17.87 -0.54 -1.10
N GLU B 247 17.69 0.79 -1.18
CA GLU B 247 18.63 1.77 -0.60
C GLU B 247 17.96 2.70 0.40
N PRO B 248 17.30 2.17 1.44
CA PRO B 248 16.73 3.04 2.46
C PRO B 248 17.80 3.68 3.37
N TYR B 249 19.03 3.15 3.38
CA TYR B 249 20.12 3.62 4.29
C TYR B 249 21.15 4.49 3.54
N TYR B 250 20.90 4.85 2.28
CA TYR B 250 21.89 5.57 1.45
C TYR B 250 22.35 6.84 2.17
N PHE B 251 21.48 7.57 2.85
CA PHE B 251 21.82 8.87 3.48
C PHE B 251 22.22 8.67 4.95
N LEU B 252 22.44 7.42 5.37
CA LEU B 252 23.12 7.07 6.65
C LEU B 252 24.60 6.77 6.37
N GLN B 253 25.14 7.14 5.21
CA GLN B 253 26.61 7.19 5.02
C GLN B 253 27.20 8.11 6.09
N MET B 254 28.43 7.80 6.51
CA MET B 254 29.14 8.42 7.64
C MET B 254 30.59 8.71 7.21
N GLU B 255 31.25 9.58 7.96
CA GLU B 255 32.72 9.76 7.93
C GLU B 255 33.39 8.39 8.18
N THR B 256 34.47 8.08 7.48
CA THR B 256 35.29 6.89 7.75
C THR B 256 35.71 6.85 9.21
N TYR B 257 35.61 5.67 9.82
CA TYR B 257 35.94 5.42 11.23
C TYR B 257 37.45 5.56 11.40
N THR B 258 37.90 6.19 12.47
CA THR B 258 39.33 6.15 12.86
C THR B 258 39.44 5.81 14.35
N LYS B 259 40.43 4.99 14.72
CA LYS B 259 40.74 4.71 16.14
C LYS B 259 41.17 6.00 16.82
N ASP B 260 41.73 6.93 16.06
CA ASP B 260 42.33 8.20 16.55
C ASP B 260 41.22 9.22 16.83
N LYS B 261 40.78 9.33 18.09
CA LYS B 261 39.65 10.19 18.50
C LYS B 261 39.92 11.67 18.17
N ALA B 262 41.16 12.12 18.34
CA ALA B 262 41.59 13.52 18.12
C ALA B 262 41.17 13.97 16.71
N ALA B 263 41.40 13.11 15.70
CA ALA B 263 41.26 13.39 14.26
C ALA B 263 39.82 13.16 13.77
N ARG B 264 38.80 13.58 14.52
CA ARG B 264 37.38 13.28 14.20
C ARG B 264 36.63 14.58 13.86
N GLU B 265 36.60 15.57 14.76
CA GLU B 265 35.90 16.88 14.55
C GLU B 265 36.32 17.46 13.19
N GLY B 266 37.61 17.36 12.83
CA GLY B 266 38.17 17.86 11.56
C GLY B 266 37.63 17.15 10.32
N LYS B 267 37.09 15.92 10.44
CA LYS B 267 36.67 15.04 9.31
C LYS B 267 35.36 15.50 8.65
N ALA B 268 34.42 16.06 9.41
CA ALA B 268 33.05 16.39 8.95
C ALA B 268 33.11 17.19 7.64
N VAL B 269 32.16 16.93 6.73
CA VAL B 269 31.97 17.73 5.48
C VAL B 269 31.47 19.13 5.90
N HIS B 270 31.95 20.22 5.29
CA HIS B 270 31.57 21.60 5.69
C HIS B 270 30.88 22.35 4.55
N ASP B 271 30.21 21.66 3.62
CA ASP B 271 29.32 22.33 2.63
C ASP B 271 28.68 21.27 1.73
N HIS B 272 27.78 21.71 0.86
CA HIS B 272 26.87 20.85 0.05
C HIS B 272 27.66 20.13 -1.05
N ASP B 273 28.63 20.80 -1.68
CA ASP B 273 29.34 20.20 -2.83
C ASP B 273 30.32 19.14 -2.30
N GLU B 274 30.93 19.37 -1.14
CA GLU B 274 31.77 18.40 -0.40
C GLU B 274 30.92 17.22 0.10
N PHE B 275 29.69 17.47 0.54
CA PHE B 275 28.78 16.38 0.97
C PHE B 275 28.46 15.47 -0.23
N LEU B 276 28.04 16.06 -1.34
CA LEU B 276 27.63 15.31 -2.56
C LEU B 276 28.82 14.54 -3.18
N LYS B 277 30.04 15.06 -3.09
CA LYS B 277 31.26 14.38 -3.61
C LYS B 277 31.63 13.17 -2.74
N ALA B 278 31.41 13.22 -1.42
CA ALA B 278 31.78 12.16 -0.47
C ALA B 278 30.86 10.93 -0.56
N LEU B 279 29.69 11.04 -1.19
CA LEU B 279 28.69 9.95 -1.27
C LEU B 279 29.15 8.87 -2.24
N VAL B 280 29.04 7.61 -1.81
CA VAL B 280 29.46 6.48 -2.66
C VAL B 280 28.54 6.49 -3.88
N PRO B 281 29.09 6.25 -5.09
CA PRO B 281 28.28 6.17 -6.29
C PRO B 281 27.21 5.09 -6.13
N SER B 282 25.98 5.43 -6.44
CA SER B 282 24.86 4.46 -6.57
C SER B 282 25.05 3.60 -7.81
N PHE B 283 24.36 2.47 -7.86
CA PHE B 283 24.28 1.66 -9.09
C PHE B 283 23.59 2.48 -10.18
N ILE B 284 22.57 3.29 -9.83
CA ILE B 284 21.90 4.12 -10.88
C ILE B 284 22.92 5.09 -11.48
N SER B 285 23.85 5.65 -10.70
CA SER B 285 24.89 6.57 -11.23
C SER B 285 25.78 5.85 -12.26
N LEU B 286 25.93 4.53 -12.18
CA LEU B 286 26.80 3.73 -13.08
C LEU B 286 26.00 3.18 -14.26
N ASP B 287 24.68 3.36 -14.25
CA ASP B 287 23.76 2.50 -15.04
C ASP B 287 23.64 3.06 -16.48
N VAL B 288 24.71 3.03 -17.28
CA VAL B 288 24.63 3.51 -18.69
C VAL B 288 23.63 2.65 -19.48
N GLU B 289 23.42 1.37 -19.10
CA GLU B 289 22.49 0.48 -19.85
C GLU B 289 21.03 0.58 -19.38
N GLY B 290 20.72 1.19 -18.23
CA GLY B 290 19.32 1.23 -17.73
C GLY B 290 18.86 -0.09 -17.14
N ARG B 291 19.78 -0.90 -16.59
CA ARG B 291 19.41 -2.21 -15.99
C ARG B 291 19.36 -2.12 -14.46
N VAL B 292 19.36 -0.92 -13.89
CA VAL B 292 19.26 -0.71 -12.42
C VAL B 292 17.87 -0.17 -12.07
N VAL B 293 17.21 -0.77 -11.08
CA VAL B 293 16.01 -0.20 -10.45
C VAL B 293 16.37 0.11 -9.01
N ARG B 294 16.18 1.37 -8.59
CA ARG B 294 16.52 1.82 -7.22
C ARG B 294 15.23 1.99 -6.43
N LEU B 295 15.18 1.43 -5.22
CA LEU B 295 14.05 1.59 -4.29
C LEU B 295 14.49 2.61 -3.24
N ASP B 296 13.89 3.79 -3.26
CA ASP B 296 14.25 4.91 -2.37
C ASP B 296 13.11 5.14 -1.39
N SER B 297 13.42 5.58 -0.17
CA SER B 297 12.40 5.76 0.88
C SER B 297 12.73 6.94 1.79
N PHE B 298 11.71 7.54 2.36
CA PHE B 298 11.84 8.53 3.45
C PHE B 298 11.89 7.87 4.82
N SER B 299 11.72 6.56 4.91
CA SER B 299 11.51 5.90 6.22
C SER B 299 12.65 6.19 7.20
N LYS B 300 13.90 6.16 6.79
CA LYS B 300 15.07 6.36 7.70
C LYS B 300 15.56 7.81 7.68
N VAL B 301 14.92 8.68 6.89
CA VAL B 301 15.37 10.08 6.65
C VAL B 301 14.42 11.03 7.38
N LEU B 302 13.11 10.88 7.18
CA LEU B 302 12.08 11.72 7.83
C LEU B 302 11.36 10.87 8.89
N ALA B 303 10.51 9.92 8.50
CA ALA B 303 9.77 9.02 9.43
C ALA B 303 9.19 7.83 8.69
N PRO B 304 9.25 6.61 9.28
CA PRO B 304 8.65 5.42 8.66
C PRO B 304 7.15 5.58 8.33
N GLY B 305 6.43 6.35 9.15
CA GLY B 305 4.96 6.50 9.07
C GLY B 305 4.52 7.31 7.87
N LEU B 306 5.46 7.93 7.16
CA LEU B 306 5.14 8.60 5.88
C LEU B 306 4.57 7.55 4.93
N ARG B 307 5.11 6.33 4.93
CA ARG B 307 4.71 5.31 3.93
C ARG B 307 4.80 5.93 2.54
N LEU B 308 5.97 6.50 2.26
CA LEU B 308 6.24 7.23 1.01
C LEU B 308 7.66 6.89 0.57
N GLY B 309 7.81 6.45 -0.66
CA GLY B 309 9.12 6.37 -1.28
C GLY B 309 8.96 6.58 -2.76
N TRP B 310 9.96 6.16 -3.51
CA TRP B 310 9.89 6.23 -4.97
C TRP B 310 10.82 5.17 -5.59
N ILE B 311 10.64 5.00 -6.89
CA ILE B 311 11.33 3.97 -7.70
C ILE B 311 11.99 4.70 -8.87
N VAL B 312 13.29 4.47 -9.03
CA VAL B 312 14.06 5.11 -10.13
C VAL B 312 14.40 3.99 -11.10
N GLY B 313 14.17 4.24 -12.38
CA GLY B 313 14.53 3.28 -13.43
C GLY B 313 14.07 3.77 -14.79
N GLN B 314 14.21 2.93 -15.80
CA GLN B 314 13.93 3.35 -17.18
C GLN B 314 12.40 3.40 -17.38
N LYS B 315 11.95 4.36 -18.18
CA LYS B 315 10.51 4.68 -18.36
C LYS B 315 9.71 3.41 -18.59
N ASP B 316 10.13 2.56 -19.54
CA ASP B 316 9.26 1.43 -19.98
C ASP B 316 9.17 0.36 -18.88
N LEU B 317 10.15 0.24 -17.99
CA LEU B 317 10.02 -0.73 -16.88
C LEU B 317 9.13 -0.11 -15.81
N LEU B 318 9.34 1.15 -15.45
CA LEU B 318 8.49 1.87 -14.46
C LEU B 318 7.01 1.82 -14.91
N GLU B 319 6.71 1.88 -16.20
CA GLU B 319 5.30 1.87 -16.67
C GLU B 319 4.57 0.58 -16.21
N ARG B 320 5.26 -0.56 -16.13
CA ARG B 320 4.67 -1.85 -15.69
C ARG B 320 4.41 -1.84 -14.16
N TYR B 321 5.28 -1.21 -13.38
CA TYR B 321 5.05 -1.00 -11.93
C TYR B 321 3.76 -0.19 -11.73
N VAL B 322 3.55 0.83 -12.57
CA VAL B 322 2.36 1.73 -12.45
C VAL B 322 1.08 0.92 -12.68
N ARG B 323 1.08 0.05 -13.70
CA ARG B 323 -0.06 -0.84 -14.04
C ARG B 323 -0.38 -1.68 -12.80
N LEU B 324 0.65 -2.32 -12.22
CA LEU B 324 0.50 -3.12 -10.97
C LEU B 324 0.01 -2.19 -9.85
N HIS B 325 0.66 -1.05 -9.63
CA HIS B 325 0.21 -0.10 -8.55
C HIS B 325 -1.29 0.21 -8.67
N GLU B 326 -1.79 0.41 -9.88
CA GLU B 326 -3.22 0.80 -10.13
C GLU B 326 -4.20 -0.19 -9.52
N VAL B 327 -3.86 -1.48 -9.45
CA VAL B 327 -4.80 -2.55 -9.01
C VAL B 327 -4.29 -3.17 -7.72
N SER B 328 -3.25 -2.59 -7.09
CA SER B 328 -2.75 -3.00 -5.76
C SER B 328 -2.83 -1.78 -4.82
N VAL B 329 -1.72 -1.11 -4.56
CA VAL B 329 -1.67 -0.07 -3.49
C VAL B 329 -2.35 1.22 -3.95
N GLN B 330 -2.36 1.48 -5.27
CA GLN B 330 -3.09 2.58 -5.94
C GLN B 330 -2.22 3.85 -5.91
N ASN B 331 -1.93 4.36 -4.72
CA ASN B 331 -1.22 5.65 -4.53
C ASN B 331 -0.88 5.79 -3.06
N PRO B 332 0.17 6.56 -2.70
CA PRO B 332 0.44 6.86 -1.30
C PRO B 332 -0.67 7.73 -0.71
N SER B 333 -0.78 7.77 0.61
CA SER B 333 -1.61 8.75 1.34
C SER B 333 -1.39 10.15 0.76
N GLY B 334 -2.47 10.83 0.40
CA GLY B 334 -2.46 12.24 0.00
C GLY B 334 -1.96 13.12 1.12
N PHE B 335 -2.25 12.77 2.38
CA PHE B 335 -1.70 13.52 3.55
C PHE B 335 -0.18 13.39 3.55
N SER B 336 0.32 12.16 3.41
CA SER B 336 1.79 11.89 3.38
C SER B 336 2.42 12.67 2.24
N GLU B 337 1.90 12.48 1.03
CA GLU B 337 2.52 13.11 -0.16
C GLU B 337 2.39 14.65 -0.07
N ALA B 338 1.26 15.19 0.35
CA ALA B 338 1.06 16.67 0.44
C ALA B 338 1.99 17.24 1.51
N LEU B 339 2.11 16.56 2.65
CA LEU B 339 2.93 17.07 3.78
C LEU B 339 4.41 16.97 3.43
N ALA B 340 4.85 15.87 2.84
CA ALA B 340 6.25 15.69 2.40
C ALA B 340 6.56 16.76 1.34
N ASN B 341 5.70 16.92 0.34
CA ASN B 341 5.86 18.02 -0.66
C ASN B 341 6.05 19.39 0.03
N ALA B 342 5.19 19.71 0.99
CA ALA B 342 5.19 21.00 1.73
C ALA B 342 6.48 21.14 2.54
N LEU B 343 6.92 20.08 3.22
CA LEU B 343 8.17 20.11 4.02
C LEU B 343 9.37 20.32 3.10
N LEU B 344 9.44 19.59 1.98
CA LEU B 344 10.62 19.59 1.08
C LEU B 344 10.68 20.94 0.38
N ARG B 345 9.54 21.51 -0.02
CA ARG B 345 9.53 22.84 -0.69
C ARG B 345 9.80 23.94 0.34
N LYS B 346 9.39 23.76 1.60
CA LYS B 346 9.70 24.79 2.63
C LYS B 346 11.22 24.83 2.84
N TRP B 347 11.83 23.67 3.08
CA TRP B 347 13.30 23.52 3.26
C TRP B 347 14.01 23.89 1.98
N GLY B 348 13.39 23.54 0.85
CA GLY B 348 14.01 23.55 -0.49
C GLY B 348 15.11 22.50 -0.60
N HIS B 349 15.68 22.31 -1.78
CA HIS B 349 16.84 21.40 -1.92
C HIS B 349 17.95 21.78 -0.95
N SER B 350 18.13 23.06 -0.69
CA SER B 350 19.26 23.51 0.16
C SER B 350 19.01 22.98 1.59
N GLY B 351 17.79 23.12 2.11
CA GLY B 351 17.46 22.68 3.49
C GLY B 351 17.43 21.16 3.57
N TYR B 352 16.94 20.48 2.54
CA TYR B 352 16.94 18.99 2.53
C TYR B 352 18.41 18.53 2.59
N LEU B 353 19.29 19.14 1.80
CA LEU B 353 20.74 18.82 1.90
C LEU B 353 21.24 19.10 3.33
N ASP B 354 20.83 20.22 3.94
CA ASP B 354 21.23 20.54 5.33
C ASP B 354 20.77 19.38 6.23
N TRP B 355 19.57 18.91 6.02
CA TRP B 355 18.97 17.81 6.82
C TRP B 355 19.82 16.55 6.66
N LEU B 356 20.13 16.16 5.43
CA LEU B 356 20.95 14.95 5.16
C LEU B 356 22.35 15.08 5.77
N ILE B 357 22.90 16.30 5.82
CA ILE B 357 24.24 16.55 6.43
C ILE B 357 24.14 16.41 7.96
N GLY B 358 23.07 16.88 8.59
CA GLY B 358 22.85 16.64 10.03
C GLY B 358 22.67 15.15 10.34
N LEU B 359 21.94 14.43 9.49
CA LEU B 359 21.72 12.97 9.63
C LEU B 359 23.09 12.29 9.63
N ARG B 360 23.95 12.66 8.67
CA ARG B 360 25.33 12.13 8.51
C ARG B 360 26.12 12.37 9.80
N ALA B 361 26.08 13.58 10.37
CA ALA B 361 26.80 13.95 11.62
C ALA B 361 26.28 13.12 12.81
N GLU B 362 24.96 12.98 12.96
CA GLU B 362 24.34 12.24 14.09
C GLU B 362 24.77 10.76 14.05
N TYR B 363 24.78 10.14 12.87
CA TYR B 363 25.04 8.69 12.71
C TYR B 363 26.54 8.45 12.84
N THR B 364 27.36 9.32 12.26
CA THR B 364 28.83 9.23 12.43
C THR B 364 29.17 9.13 13.93
N HIS B 365 28.56 9.96 14.77
CA HIS B 365 28.88 9.96 16.22
C HIS B 365 28.44 8.63 16.85
N LYS B 366 27.23 8.14 16.55
CA LYS B 366 26.67 6.88 17.13
C LYS B 366 27.60 5.70 16.81
N ARG B 367 28.04 5.60 15.57
CA ARG B 367 28.92 4.51 15.05
C ARG B 367 30.26 4.61 15.79
N ASP B 368 30.79 5.83 15.94
CA ASP B 368 32.07 6.06 16.65
C ASP B 368 31.95 5.49 18.06
N VAL B 369 30.86 5.82 18.76
CA VAL B 369 30.64 5.38 20.17
C VAL B 369 30.53 3.86 20.19
N ALA B 370 29.77 3.28 19.25
CA ALA B 370 29.47 1.84 19.18
C ALA B 370 30.77 1.09 18.96
N ILE B 371 31.56 1.50 17.99
CA ILE B 371 32.79 0.75 17.59
C ILE B 371 33.89 0.95 18.65
N ASP B 372 33.96 2.12 19.27
CA ASP B 372 34.90 2.36 20.40
C ASP B 372 34.59 1.33 21.48
N ALA B 373 33.31 1.16 21.78
CA ALA B 373 32.83 0.21 22.80
C ALA B 373 33.16 -1.24 22.39
N LEU B 374 33.02 -1.65 21.12
CA LEU B 374 33.38 -3.03 20.70
C LEU B 374 34.87 -3.24 20.95
N ASP B 375 35.67 -2.28 20.50
CA ASP B 375 37.14 -2.31 20.59
C ASP B 375 37.49 -2.49 22.08
N GLN B 376 36.76 -1.82 22.96
CA GLN B 376 37.04 -1.75 24.40
C GLN B 376 36.65 -3.07 25.11
N PHE B 377 35.45 -3.61 24.87
CA PHE B 377 34.82 -4.63 25.74
C PHE B 377 34.85 -6.05 25.16
N VAL B 378 34.95 -6.23 23.84
CA VAL B 378 34.79 -7.57 23.21
C VAL B 378 36.16 -8.22 23.08
N PRO B 379 36.37 -9.42 23.68
CA PRO B 379 37.67 -10.06 23.66
C PRO B 379 38.14 -10.44 22.26
N LYS B 380 39.36 -10.03 21.95
CA LYS B 380 39.90 -9.99 20.58
C LYS B 380 40.39 -11.37 20.15
N GLU B 381 40.68 -12.27 21.11
CA GLU B 381 41.17 -13.65 20.87
C GLU B 381 40.14 -14.45 20.06
N VAL B 382 38.85 -14.17 20.20
CA VAL B 382 37.80 -14.99 19.53
C VAL B 382 36.88 -14.13 18.65
N SER B 383 37.21 -12.86 18.42
CA SER B 383 36.26 -11.91 17.79
C SER B 383 36.98 -11.01 16.80
N SER B 384 36.18 -10.45 15.88
CA SER B 384 36.59 -9.34 15.00
C SER B 384 35.37 -8.45 14.72
N PHE B 385 35.62 -7.28 14.19
CA PHE B 385 34.53 -6.37 13.75
C PHE B 385 35.06 -5.48 12.63
N ASN B 386 34.21 -5.17 11.66
CA ASN B 386 34.42 -4.19 10.55
C ASN B 386 33.64 -2.93 10.94
N PRO B 387 34.29 -1.77 11.19
CA PRO B 387 33.55 -0.54 11.47
C PRO B 387 32.75 -0.15 10.22
N PRO B 388 31.41 0.01 10.31
CA PRO B 388 30.64 0.40 9.13
C PRO B 388 31.00 1.83 8.66
N VAL B 389 30.98 2.09 7.35
CA VAL B 389 31.05 3.45 6.75
C VAL B 389 29.64 3.99 6.46
N ALA B 390 28.59 3.18 6.59
CA ALA B 390 27.18 3.60 6.37
C ALA B 390 26.22 2.72 7.13
N GLY B 391 25.03 3.22 7.45
CA GLY B 391 23.94 2.38 7.96
C GLY B 391 23.71 2.55 9.44
N MET B 392 22.75 1.78 9.97
CA MET B 392 22.38 1.80 11.40
C MET B 392 22.91 0.53 12.10
N PHE B 393 23.59 -0.37 11.37
CA PHE B 393 23.95 -1.71 11.88
C PHE B 393 25.46 -1.84 12.05
N PHE B 394 25.83 -2.60 13.09
CA PHE B 394 27.20 -3.08 13.32
C PHE B 394 27.09 -4.58 13.58
N THR B 395 28.19 -5.28 13.34
CA THR B 395 28.30 -6.72 13.64
C THR B 395 29.55 -7.01 14.47
N VAL B 396 29.47 -8.11 15.22
CA VAL B 396 30.61 -8.78 15.89
C VAL B 396 30.70 -10.19 15.36
N THR B 397 31.84 -10.55 14.80
CA THR B 397 32.12 -11.92 14.29
C THR B 397 32.86 -12.69 15.37
N LEU B 398 32.52 -13.97 15.56
CA LEU B 398 33.14 -14.83 16.63
C LEU B 398 33.62 -16.10 15.98
N ASP B 399 34.75 -16.61 16.44
CA ASP B 399 35.27 -17.91 15.94
C ASP B 399 34.61 -19.00 16.78
N ALA B 400 33.52 -19.59 16.30
CA ALA B 400 32.73 -20.56 17.10
C ALA B 400 33.64 -21.73 17.51
N SER B 401 34.61 -22.06 16.66
CA SER B 401 35.49 -23.23 16.81
C SER B 401 36.33 -23.10 18.08
N LYS B 402 36.42 -21.89 18.66
CA LYS B 402 37.15 -21.63 19.93
C LYS B 402 36.25 -21.71 21.16
N HIS B 403 34.95 -21.97 21.01
CA HIS B 403 34.05 -22.19 22.16
C HIS B 403 34.49 -23.49 22.85
N PRO B 404 34.64 -23.48 24.19
CA PRO B 404 35.15 -24.67 24.90
C PRO B 404 34.23 -25.90 24.82
N LYS B 405 32.96 -25.70 24.45
CA LYS B 405 31.98 -26.80 24.28
C LYS B 405 31.79 -27.14 22.81
N TYR B 406 32.70 -26.71 21.93
CA TYR B 406 32.50 -26.89 20.47
C TYR B 406 32.30 -28.38 20.11
N LYS B 407 33.11 -29.25 20.70
CA LYS B 407 33.02 -30.72 20.44
C LYS B 407 31.69 -31.26 20.99
N GLU B 408 31.32 -30.87 22.21
CA GLU B 408 30.08 -31.24 22.94
C GLU B 408 28.85 -30.75 22.18
N PHE B 409 28.98 -29.59 21.51
CA PHE B 409 28.00 -29.01 20.55
C PHE B 409 28.11 -29.66 19.17
N LEU B 410 28.84 -30.78 19.02
CA LEU B 410 28.94 -31.55 17.74
C LEU B 410 29.55 -30.66 16.65
N GLU B 411 30.44 -29.73 17.02
CA GLU B 411 31.10 -28.78 16.07
C GLU B 411 30.03 -28.00 15.28
N ASP B 412 28.89 -27.69 15.90
CA ASP B 412 27.80 -26.91 15.26
C ASP B 412 27.93 -25.43 15.64
N PRO B 413 28.37 -24.55 14.71
CA PRO B 413 28.53 -23.12 15.03
C PRO B 413 27.22 -22.51 15.57
N LEU B 414 26.08 -23.02 15.11
CA LEU B 414 24.76 -22.45 15.51
C LEU B 414 24.46 -22.75 16.98
N LYS B 415 25.01 -23.83 17.54
CA LYS B 415 24.86 -24.11 19.00
C LYS B 415 25.70 -23.10 19.77
N VAL B 416 26.88 -22.74 19.24
CA VAL B 416 27.72 -21.67 19.87
C VAL B 416 26.96 -20.35 19.77
N GLU B 417 26.37 -20.05 18.61
CA GLU B 417 25.59 -18.79 18.43
C GLU B 417 24.45 -18.78 19.47
N ALA B 418 23.70 -19.86 19.61
CA ALA B 418 22.57 -19.91 20.59
C ALA B 418 23.12 -19.70 22.00
N ALA B 419 24.27 -20.29 22.33
CA ALA B 419 24.79 -20.20 23.72
C ALA B 419 25.22 -18.75 23.97
N VAL B 420 25.85 -18.11 22.99
CA VAL B 420 26.27 -16.69 23.17
C VAL B 420 25.01 -15.81 23.23
N HIS B 421 24.01 -16.06 22.37
CA HIS B 421 22.70 -15.36 22.42
C HIS B 421 22.12 -15.42 23.83
N GLU B 422 21.99 -16.62 24.41
CA GLU B 422 21.39 -16.85 25.76
C GLU B 422 22.25 -16.17 26.83
N GLN B 423 23.57 -16.30 26.72
CA GLN B 423 24.49 -15.63 27.68
C GLN B 423 24.28 -14.12 27.56
N ALA B 424 24.25 -13.56 26.36
CA ALA B 424 24.04 -12.10 26.16
C ALA B 424 22.77 -11.69 26.90
N ILE B 425 21.64 -12.38 26.67
CA ILE B 425 20.33 -12.06 27.32
C ILE B 425 20.49 -12.12 28.85
N LYS B 426 21.14 -13.16 29.36
CA LYS B 426 21.38 -13.36 30.81
C LYS B 426 22.19 -12.17 31.34
N GLN B 427 23.16 -11.63 30.59
CA GLN B 427 23.94 -10.45 31.01
C GLN B 427 23.14 -9.15 30.80
N GLY B 428 21.89 -9.24 30.35
CA GLY B 428 21.01 -8.08 30.10
C GLY B 428 21.31 -7.30 28.82
N CYS B 429 21.67 -7.94 27.70
CA CYS B 429 21.75 -7.28 26.37
C CYS B 429 21.30 -8.26 25.26
N LEU B 430 20.69 -7.71 24.21
CA LEU B 430 20.15 -8.52 23.09
C LEU B 430 20.69 -7.98 21.75
N LEU B 431 21.40 -8.83 21.01
CA LEU B 431 21.71 -8.61 19.58
C LEU B 431 20.93 -9.64 18.77
N ALA B 432 20.90 -9.48 17.46
CA ALA B 432 20.19 -10.40 16.54
C ALA B 432 21.19 -11.42 16.01
N PRO B 433 21.00 -12.73 16.29
CA PRO B 433 21.86 -13.74 15.70
C PRO B 433 21.93 -13.64 14.17
N GLY B 434 23.16 -13.66 13.64
CA GLY B 434 23.42 -13.59 12.19
C GLY B 434 22.72 -14.67 11.40
N SER B 435 22.62 -15.89 11.93
CA SER B 435 22.15 -17.05 11.12
C SER B 435 20.68 -16.79 10.75
N TRP B 436 19.98 -15.96 11.51
CA TRP B 436 18.55 -15.58 11.27
C TRP B 436 18.37 -14.90 9.91
N PHE B 437 19.44 -14.36 9.32
CA PHE B 437 19.40 -13.57 8.06
C PHE B 437 19.94 -14.41 6.92
N LYS B 438 20.26 -15.68 7.15
CA LYS B 438 20.88 -16.56 6.12
C LYS B 438 19.85 -16.86 5.03
N ALA B 439 20.14 -16.51 3.77
CA ALA B 439 19.29 -16.76 2.60
C ALA B 439 19.60 -18.16 2.07
N GLU B 440 18.57 -18.94 1.73
CA GLU B 440 18.77 -20.27 1.13
C GLU B 440 17.92 -20.38 -0.13
N GLY B 441 18.45 -21.03 -1.17
CA GLY B 441 17.64 -21.30 -2.36
C GLY B 441 18.43 -22.05 -3.41
N GLN B 442 17.70 -22.69 -4.31
CA GLN B 442 18.26 -23.42 -5.47
C GLN B 442 17.49 -22.93 -6.69
N SER B 443 18.20 -22.73 -7.78
CA SER B 443 17.60 -22.59 -9.12
C SER B 443 16.93 -23.92 -9.50
N SER B 444 16.06 -23.86 -10.52
CA SER B 444 15.32 -24.99 -11.09
C SER B 444 15.65 -25.07 -12.58
N PRO B 445 16.56 -25.96 -13.02
CA PRO B 445 17.21 -26.96 -12.16
C PRO B 445 18.40 -26.38 -11.40
N PRO B 446 18.89 -27.07 -10.34
CA PRO B 446 19.90 -26.49 -9.45
C PRO B 446 21.24 -26.34 -10.15
N GLN B 447 22.06 -25.42 -9.64
CA GLN B 447 23.47 -25.24 -10.05
C GLN B 447 24.26 -26.47 -9.58
N LYS B 448 25.36 -26.81 -10.24
CA LYS B 448 26.28 -27.87 -9.77
C LYS B 448 26.89 -27.41 -8.44
N ASN B 449 26.93 -28.30 -7.43
CA ASN B 449 27.59 -28.07 -6.11
C ASN B 449 29.11 -27.98 -6.28
N LYS B 457 31.51 -20.92 7.74
CA LYS B 457 31.03 -22.04 8.60
C LYS B 457 31.34 -21.74 10.08
N THR B 458 32.61 -21.90 10.51
CA THR B 458 33.06 -21.79 11.93
C THR B 458 32.96 -20.36 12.47
N HIS B 459 32.85 -19.34 11.64
CA HIS B 459 32.62 -17.96 12.16
C HIS B 459 31.12 -17.70 12.22
N ILE B 460 30.66 -17.09 13.31
CA ILE B 460 29.24 -16.70 13.51
C ILE B 460 29.29 -15.19 13.67
N PHE B 461 28.16 -14.53 13.60
CA PHE B 461 28.09 -13.10 13.95
C PHE B 461 26.77 -12.76 14.59
N PHE B 462 26.76 -11.57 15.16
CA PHE B 462 25.58 -10.90 15.72
C PHE B 462 25.46 -9.52 15.08
N ARG B 463 24.23 -9.11 14.83
CA ARG B 463 23.84 -7.75 14.34
C ARG B 463 23.36 -6.90 15.51
N GLY B 464 23.93 -5.71 15.66
CA GLY B 464 23.43 -4.68 16.59
C GLY B 464 23.09 -3.42 15.83
N THR B 465 22.31 -2.56 16.46
CA THR B 465 22.04 -1.19 15.98
C THR B 465 22.57 -0.21 17.02
N TYR B 466 23.12 0.92 16.56
CA TYR B 466 23.51 2.11 17.35
C TYR B 466 22.51 3.24 17.10
N ALA B 467 21.43 2.98 16.36
CA ALA B 467 20.45 4.01 15.94
C ALA B 467 19.33 4.14 16.97
N ALA B 468 19.06 3.09 17.73
CA ALA B 468 17.86 2.94 18.58
C ALA B 468 18.05 3.70 19.90
N VAL B 469 19.06 3.35 20.71
CA VAL B 469 19.09 3.64 22.17
C VAL B 469 20.00 4.83 22.45
N PRO B 470 19.79 5.53 23.58
CA PRO B 470 20.74 6.53 24.07
C PRO B 470 22.17 5.97 24.14
N LEU B 471 23.19 6.77 23.80
CA LEU B 471 24.59 6.30 23.60
C LEU B 471 25.21 5.81 24.92
N ASP B 472 24.75 6.31 26.06
CA ASP B 472 25.17 5.78 27.38
C ASP B 472 24.69 4.33 27.50
N GLN B 473 23.46 4.03 27.08
CA GLN B 473 22.89 2.66 27.15
C GLN B 473 23.53 1.75 26.09
N LEU B 474 24.00 2.30 24.99
CA LEU B 474 24.69 1.50 23.94
C LEU B 474 25.98 0.99 24.55
N VAL B 475 26.67 1.80 25.35
CA VAL B 475 27.98 1.42 25.94
C VAL B 475 27.74 0.35 27.03
N VAL B 476 26.66 0.48 27.82
CA VAL B 476 26.20 -0.49 28.85
C VAL B 476 25.95 -1.87 28.20
N GLY B 477 25.21 -1.89 27.09
CA GLY B 477 24.83 -3.14 26.39
C GLY B 477 26.06 -3.83 25.83
N LEU B 478 26.98 -3.08 25.26
CA LEU B 478 28.15 -3.69 24.59
C LEU B 478 29.17 -4.19 25.63
N GLU B 479 29.33 -3.51 26.76
CA GLU B 479 30.14 -4.04 27.88
C GLU B 479 29.53 -5.37 28.34
N LYS B 480 28.21 -5.43 28.50
CA LYS B 480 27.50 -6.69 28.86
C LYS B 480 27.72 -7.77 27.81
N PHE B 481 27.74 -7.41 26.52
CA PHE B 481 27.94 -8.38 25.41
C PHE B 481 29.38 -8.92 25.49
N GLY B 482 30.34 -8.03 25.73
CA GLY B 482 31.76 -8.40 26.01
C GLY B 482 31.88 -9.42 27.14
N LYS B 483 31.15 -9.23 28.24
CA LYS B 483 31.10 -10.17 29.39
C LYS B 483 30.52 -11.52 28.95
N ALA B 484 29.48 -11.49 28.11
CA ALA B 484 28.80 -12.70 27.66
C ALA B 484 29.77 -13.54 26.82
N VAL B 485 30.54 -12.90 25.93
CA VAL B 485 31.55 -13.58 25.07
C VAL B 485 32.67 -14.14 25.99
N ARG B 486 33.16 -13.34 26.94
CA ARG B 486 34.19 -13.80 27.93
C ARG B 486 33.69 -15.01 28.73
N ALA B 487 32.49 -14.96 29.30
CA ALA B 487 31.91 -16.09 30.05
C ALA B 487 31.85 -17.32 29.13
N GLU B 488 31.23 -17.22 27.96
CA GLU B 488 31.01 -18.40 27.09
C GLU B 488 32.32 -18.96 26.57
N PHE B 489 33.33 -18.13 26.29
CA PHE B 489 34.59 -18.61 25.65
C PHE B 489 35.67 -18.91 26.69
N GLY B 490 35.38 -18.68 27.96
CA GLY B 490 36.25 -18.98 29.11
C GLY B 490 37.53 -18.17 29.12
N LEU B 491 37.45 -16.85 28.87
CA LEU B 491 38.61 -15.92 28.78
C LEU B 491 38.71 -15.07 30.06
#